data_6HD3
#
_entry.id   6HD3
#
_cell.length_a   146.266
_cell.length_b   146.266
_cell.length_c   173.133
_cell.angle_alpha   90.000
_cell.angle_beta   90.000
_cell.angle_gamma   120.000
#
_symmetry.space_group_name_H-M   'P 6 2 2'
#
loop_
_entity.id
_entity.type
_entity.pdbx_description
1 polymer 'Cell division control protein 48 homolog A'
2 non-polymer 'PHOSPHATE ION'
3 non-polymer "ADENOSINE-5'-DIPHOSPHATE"
4 water water
#
_entity_poly.entity_id   1
_entity_poly.type   'polypeptide(L)'
_entity_poly.pdbx_seq_one_letter_code
;MSTPAESSDSKSKKDFSTAILERKKSPNRLVVDEAINDDNSVVSLHPATMEKLQLFRGDTILIKGKKRKDTVCIALADET
CEEPKIRMNKVVRSNLRVRLGDVISVHQCPDVKYGKRVHILPVDDTVEGVTGNLFDAYLKPYFLEAYRPVRKGDLFLVRG
GMRSVEFKVIETDPAEYCVVAPDTEIFCEGEPVKREDEERLDDVGYDDVGGVRKQMAQIRELVELPLRHPQLFKSIGVKP
PKGILLYGPPGSGKTLIARAVANETGAFFFCINGPEIMSKLAGESESNLRKAFEEAEKNAPSIIFIDEIDSIAPKREKTN
GEVERRIVSQLLTLMDGLKSRAHVIVMGATNRPNSIDPALRRFGRFDREIDIGVPDEIGRLEVLRIHTKNMKLAEDVDLE
RISKDTHGYVGADLAALCTEAALQCIREKMDVIDLEDDSIDAEILNSMAVTNEHFHTALGNSNPSALRETVVEVPNVSWN
D
;
_entity_poly.pdbx_strand_id   A,C
#
loop_
_chem_comp.id
_chem_comp.type
_chem_comp.name
_chem_comp.formula
ADP non-polymer ADENOSINE-5'-DIPHOSPHATE 'C10 H15 N5 O10 P2'
PO4 non-polymer 'PHOSPHATE ION' 'O4 P -3'
#
# COMPACT_ATOMS: atom_id res chain seq x y z
N ASP A 15 29.09 13.43 -17.23
CA ASP A 15 29.17 13.77 -15.81
C ASP A 15 29.16 12.54 -14.89
N PHE A 16 29.63 12.71 -13.62
CA PHE A 16 29.73 11.66 -12.59
C PHE A 16 28.46 10.83 -12.43
N SER A 17 27.37 11.46 -11.92
CA SER A 17 26.09 10.81 -11.67
C SER A 17 25.41 10.34 -12.95
N THR A 18 25.67 11.04 -14.08
CA THR A 18 25.14 10.70 -15.41
C THR A 18 25.77 9.39 -15.90
N ALA A 19 27.08 9.20 -15.61
CA ALA A 19 27.85 8.00 -15.96
C ALA A 19 27.33 6.79 -15.17
N ILE A 20 26.89 7.00 -13.91
CA ILE A 20 26.31 5.95 -13.06
C ILE A 20 25.02 5.46 -13.71
N LEU A 21 24.08 6.39 -13.93
CA LEU A 21 22.76 6.12 -14.47
C LEU A 21 22.77 5.52 -15.87
N GLU A 22 23.71 5.94 -16.74
CA GLU A 22 23.77 5.40 -18.10
C GLU A 22 24.48 4.05 -18.18
N ARG A 23 25.26 3.69 -17.14
CA ARG A 23 25.92 2.40 -17.06
C ARG A 23 25.01 1.34 -16.41
N LYS A 24 23.69 1.66 -16.27
CA LYS A 24 22.69 0.75 -15.72
C LYS A 24 22.28 -0.32 -16.77
N LYS A 25 23.20 -0.59 -17.72
CA LYS A 25 23.08 -1.62 -18.75
C LYS A 25 24.22 -2.62 -18.53
N SER A 26 24.57 -2.86 -17.24
CA SER A 26 25.61 -3.80 -16.86
C SER A 26 25.03 -5.21 -16.88
N PRO A 27 25.83 -6.25 -17.21
CA PRO A 27 25.28 -7.62 -17.22
C PRO A 27 24.83 -8.08 -15.83
N ASN A 28 25.00 -7.20 -14.81
CA ASN A 28 24.59 -7.43 -13.43
C ASN A 28 23.12 -7.01 -13.20
N ARG A 29 22.54 -6.28 -14.19
CA ARG A 29 21.13 -5.86 -14.17
C ARG A 29 20.30 -6.78 -15.08
N LEU A 30 19.49 -7.67 -14.46
CA LEU A 30 18.68 -8.67 -15.18
C LEU A 30 17.18 -8.54 -14.97
N VAL A 31 16.39 -9.09 -15.90
CA VAL A 31 14.91 -9.04 -15.89
C VAL A 31 14.34 -10.26 -15.16
N VAL A 32 13.36 -10.03 -14.27
CA VAL A 32 12.72 -11.07 -13.47
C VAL A 32 11.77 -11.94 -14.32
N ASP A 33 12.10 -13.23 -14.42
CA ASP A 33 11.32 -14.21 -15.19
C ASP A 33 10.86 -15.34 -14.23
N GLU A 34 9.95 -16.21 -14.69
CA GLU A 34 9.41 -17.32 -13.91
C GLU A 34 10.43 -18.42 -13.67
N ALA A 35 10.26 -19.17 -12.58
CA ALA A 35 11.14 -20.29 -12.24
C ALA A 35 10.55 -21.59 -12.76
N ILE A 36 11.39 -22.46 -13.33
CA ILE A 36 10.93 -23.79 -13.79
C ILE A 36 10.77 -24.68 -12.54
N ASN A 37 11.79 -24.65 -11.65
CA ASN A 37 11.81 -25.38 -10.39
C ASN A 37 11.45 -24.46 -9.21
N ASP A 38 10.34 -24.77 -8.52
CA ASP A 38 9.85 -23.98 -7.37
C ASP A 38 10.65 -24.25 -6.09
N ASP A 39 11.71 -23.45 -5.88
CA ASP A 39 12.55 -23.50 -4.68
C ASP A 39 12.75 -22.08 -4.18
N ASN A 40 12.40 -21.82 -2.90
CA ASN A 40 12.51 -20.50 -2.27
C ASN A 40 13.95 -19.97 -2.17
N SER A 41 14.96 -20.86 -2.26
CA SER A 41 16.38 -20.51 -2.10
C SER A 41 17.18 -20.49 -3.42
N VAL A 42 16.61 -20.95 -4.54
CA VAL A 42 17.34 -21.06 -5.80
C VAL A 42 16.85 -20.08 -6.89
N VAL A 43 17.80 -19.35 -7.50
CA VAL A 43 17.57 -18.49 -8.65
C VAL A 43 18.36 -19.08 -9.84
N SER A 44 17.78 -19.04 -11.03
CA SER A 44 18.42 -19.61 -12.22
C SER A 44 18.86 -18.54 -13.20
N LEU A 45 20.09 -18.67 -13.71
CA LEU A 45 20.68 -17.73 -14.66
C LEU A 45 21.26 -18.49 -15.86
N HIS A 46 21.52 -17.79 -16.98
CA HIS A 46 22.12 -18.40 -18.17
C HIS A 46 23.63 -18.63 -17.90
N PRO A 47 24.22 -19.77 -18.36
CA PRO A 47 25.66 -20.01 -18.09
C PRO A 47 26.61 -18.96 -18.66
N ALA A 48 26.23 -18.25 -19.75
CA ALA A 48 27.06 -17.19 -20.32
C ALA A 48 26.98 -15.94 -19.46
N THR A 49 25.81 -15.72 -18.81
CA THR A 49 25.59 -14.59 -17.91
C THR A 49 26.42 -14.75 -16.62
N MET A 50 26.45 -15.99 -16.06
CA MET A 50 27.22 -16.31 -14.86
C MET A 50 28.72 -16.23 -15.13
N GLU A 51 29.14 -16.51 -16.39
CA GLU A 51 30.53 -16.39 -16.83
C GLU A 51 30.93 -14.92 -16.88
N LYS A 52 30.02 -14.05 -17.39
CA LYS A 52 30.20 -12.60 -17.46
C LYS A 52 30.30 -12.00 -16.06
N LEU A 53 29.43 -12.48 -15.15
CA LEU A 53 29.33 -12.02 -13.75
C LEU A 53 30.25 -12.77 -12.79
N GLN A 54 31.07 -13.70 -13.31
CA GLN A 54 32.02 -14.53 -12.55
C GLN A 54 31.35 -15.15 -11.31
N LEU A 55 30.31 -15.95 -11.55
CA LEU A 55 29.56 -16.67 -10.53
C LEU A 55 29.52 -18.14 -10.90
N PHE A 56 29.79 -19.01 -9.94
CA PHE A 56 29.79 -20.44 -10.19
C PHE A 56 28.52 -21.09 -9.67
N ARG A 57 28.10 -22.20 -10.30
CA ARG A 57 26.90 -22.93 -9.90
C ARG A 57 27.01 -23.37 -8.44
N GLY A 58 25.95 -23.12 -7.68
CA GLY A 58 25.92 -23.44 -6.26
C GLY A 58 26.28 -22.28 -5.36
N ASP A 59 26.99 -21.27 -5.92
CA ASP A 59 27.40 -20.05 -5.22
C ASP A 59 26.17 -19.31 -4.71
N THR A 60 26.30 -18.71 -3.51
CA THR A 60 25.24 -17.87 -2.95
C THR A 60 25.47 -16.43 -3.44
N ILE A 61 24.44 -15.83 -4.04
CA ILE A 61 24.51 -14.46 -4.55
C ILE A 61 23.56 -13.55 -3.80
N LEU A 62 23.87 -12.25 -3.77
CA LEU A 62 23.02 -11.26 -3.14
C LEU A 62 22.27 -10.49 -4.23
N ILE A 63 20.93 -10.59 -4.23
CA ILE A 63 20.08 -9.91 -5.20
C ILE A 63 19.43 -8.72 -4.53
N LYS A 64 19.52 -7.52 -5.13
CA LYS A 64 18.83 -6.36 -4.58
C LYS A 64 17.67 -5.97 -5.44
N GLY A 65 16.54 -5.80 -4.81
CA GLY A 65 15.29 -5.46 -5.48
C GLY A 65 14.83 -4.04 -5.24
N LYS A 66 13.52 -3.88 -5.10
CA LYS A 66 12.88 -2.58 -4.88
C LYS A 66 12.66 -2.32 -3.39
N LYS A 67 12.21 -1.07 -3.04
CA LYS A 67 11.93 -0.64 -1.66
C LYS A 67 13.12 -0.94 -0.72
N ARG A 68 14.36 -0.70 -1.23
CA ARG A 68 15.67 -0.94 -0.60
C ARG A 68 15.75 -2.34 0.10
N LYS A 69 15.03 -3.33 -0.47
CA LYS A 69 14.95 -4.73 0.00
C LYS A 69 15.97 -5.60 -0.77
N ASP A 70 16.47 -6.68 -0.12
CA ASP A 70 17.42 -7.61 -0.74
C ASP A 70 17.33 -9.01 -0.15
N THR A 71 17.84 -10.03 -0.88
CA THR A 71 17.86 -11.42 -0.42
C THR A 71 19.10 -12.17 -0.93
N VAL A 72 19.37 -13.34 -0.34
CA VAL A 72 20.48 -14.21 -0.74
C VAL A 72 19.95 -15.54 -1.27
N CYS A 73 20.38 -15.92 -2.49
CA CYS A 73 19.94 -17.15 -3.16
C CYS A 73 21.11 -17.95 -3.72
N ILE A 74 20.86 -19.24 -4.02
CA ILE A 74 21.80 -20.14 -4.70
C ILE A 74 21.66 -19.88 -6.20
N ALA A 75 22.76 -19.52 -6.88
CA ALA A 75 22.72 -19.29 -8.32
C ALA A 75 22.95 -20.61 -9.08
N LEU A 76 22.10 -20.89 -10.07
CA LEU A 76 22.20 -22.12 -10.86
C LEU A 76 22.16 -21.87 -12.35
N ALA A 77 22.94 -22.65 -13.13
CA ALA A 77 23.02 -22.50 -14.59
C ALA A 77 21.84 -23.16 -15.29
N ASP A 78 21.22 -22.44 -16.23
CA ASP A 78 20.09 -22.93 -17.01
C ASP A 78 20.20 -22.42 -18.44
N GLU A 79 20.41 -23.33 -19.39
CA GLU A 79 20.54 -23.00 -20.81
C GLU A 79 19.21 -22.49 -21.42
N THR A 80 18.07 -22.85 -20.78
CA THR A 80 16.73 -22.43 -21.19
C THR A 80 16.42 -20.99 -20.71
N CYS A 81 17.18 -20.51 -19.70
CA CYS A 81 17.02 -19.15 -19.17
C CYS A 81 17.63 -18.18 -20.15
N GLU A 82 16.93 -17.07 -20.45
CA GLU A 82 17.44 -16.05 -21.38
C GLU A 82 18.66 -15.35 -20.79
N GLU A 83 19.61 -14.95 -21.65
CA GLU A 83 20.83 -14.25 -21.23
C GLU A 83 20.57 -12.98 -20.39
N PRO A 84 19.63 -12.07 -20.78
CA PRO A 84 19.40 -10.88 -19.95
C PRO A 84 18.36 -11.06 -18.85
N LYS A 85 17.89 -12.30 -18.63
CA LYS A 85 16.87 -12.58 -17.63
C LYS A 85 17.38 -13.41 -16.44
N ILE A 86 16.51 -13.60 -15.41
CA ILE A 86 16.75 -14.37 -14.19
C ILE A 86 15.48 -15.13 -13.78
N ARG A 87 15.59 -16.45 -13.55
CA ARG A 87 14.42 -17.24 -13.17
C ARG A 87 14.31 -17.28 -11.64
N MET A 88 13.18 -16.83 -11.11
CA MET A 88 12.96 -16.86 -9.67
C MET A 88 11.48 -17.12 -9.32
N ASN A 89 11.22 -17.89 -8.24
CA ASN A 89 9.87 -18.23 -7.83
C ASN A 89 9.18 -17.04 -7.12
N LYS A 90 7.87 -17.18 -6.81
CA LYS A 90 7.08 -16.11 -6.21
C LYS A 90 7.59 -15.66 -4.83
N VAL A 91 8.18 -16.58 -4.04
CA VAL A 91 8.73 -16.29 -2.71
C VAL A 91 9.93 -15.33 -2.82
N VAL A 92 10.90 -15.64 -3.73
CA VAL A 92 12.10 -14.82 -3.98
C VAL A 92 11.68 -13.44 -4.49
N ARG A 93 10.76 -13.43 -5.47
CA ARG A 93 10.15 -12.25 -6.07
C ARG A 93 9.61 -11.31 -4.97
N SER A 94 8.77 -11.84 -4.06
CA SER A 94 8.17 -11.07 -2.96
C SER A 94 9.22 -10.57 -1.96
N ASN A 95 10.22 -11.43 -1.67
CA ASN A 95 11.31 -11.10 -0.77
C ASN A 95 12.21 -9.98 -1.35
N LEU A 96 11.91 -9.50 -2.58
CA LEU A 96 12.67 -8.44 -3.25
C LEU A 96 11.77 -7.25 -3.61
N ARG A 97 10.46 -7.34 -3.27
CA ARG A 97 9.43 -6.34 -3.55
C ARG A 97 9.33 -6.06 -5.05
N VAL A 98 9.54 -7.12 -5.87
CA VAL A 98 9.47 -7.06 -7.33
C VAL A 98 8.37 -7.97 -7.90
N ARG A 99 8.12 -7.84 -9.21
CA ARG A 99 7.17 -8.64 -9.95
C ARG A 99 7.79 -9.08 -11.27
N LEU A 100 7.21 -10.10 -11.94
CA LEU A 100 7.75 -10.57 -13.22
C LEU A 100 7.84 -9.43 -14.23
N GLY A 101 9.01 -9.26 -14.82
CA GLY A 101 9.27 -8.20 -15.77
C GLY A 101 10.15 -7.09 -15.23
N ASP A 102 10.18 -6.92 -13.89
CA ASP A 102 11.00 -5.90 -13.23
C ASP A 102 12.48 -6.21 -13.31
N VAL A 103 13.33 -5.22 -12.99
CA VAL A 103 14.77 -5.40 -13.03
C VAL A 103 15.38 -5.37 -11.65
N ILE A 104 16.24 -6.35 -11.39
CA ILE A 104 17.00 -6.48 -10.17
C ILE A 104 18.47 -6.47 -10.52
N SER A 105 19.34 -6.32 -9.51
CA SER A 105 20.77 -6.38 -9.77
C SER A 105 21.41 -7.45 -8.91
N VAL A 106 22.12 -8.38 -9.57
CA VAL A 106 22.81 -9.49 -8.90
C VAL A 106 24.23 -9.08 -8.50
N HIS A 107 24.57 -9.34 -7.23
CA HIS A 107 25.86 -9.00 -6.67
C HIS A 107 26.47 -10.19 -5.97
N GLN A 108 27.82 -10.25 -6.04
CA GLN A 108 28.66 -11.29 -5.43
C GLN A 108 28.40 -11.33 -3.92
N CYS A 109 28.29 -12.54 -3.35
CA CYS A 109 28.06 -12.72 -1.92
C CYS A 109 29.08 -13.71 -1.32
N PRO A 110 30.29 -13.23 -0.98
CA PRO A 110 31.31 -14.15 -0.46
C PRO A 110 31.33 -14.30 1.07
N ASP A 111 30.59 -13.43 1.79
CA ASP A 111 30.58 -13.43 3.26
C ASP A 111 29.37 -14.15 3.84
N VAL A 112 29.05 -15.35 3.32
CA VAL A 112 27.92 -16.13 3.83
C VAL A 112 28.40 -17.26 4.71
N LYS A 113 28.50 -16.98 6.00
CA LYS A 113 28.96 -17.94 6.98
C LYS A 113 27.77 -18.79 7.41
N TYR A 114 28.04 -20.04 7.85
CA TYR A 114 27.00 -20.95 8.31
C TYR A 114 26.34 -20.39 9.59
N GLY A 115 25.06 -20.69 9.76
CA GLY A 115 24.28 -20.21 10.88
C GLY A 115 24.64 -20.85 12.21
N LYS A 116 24.74 -20.02 13.24
CA LYS A 116 24.95 -20.45 14.62
C LYS A 116 23.56 -20.71 15.20
N ARG A 117 22.62 -19.74 15.00
CA ARG A 117 21.23 -19.83 15.45
C ARG A 117 20.31 -18.90 14.66
N VAL A 118 19.14 -19.41 14.26
CA VAL A 118 18.12 -18.61 13.56
C VAL A 118 16.77 -18.66 14.29
N HIS A 119 16.14 -17.49 14.45
CA HIS A 119 14.82 -17.41 15.07
CA HIS A 119 14.81 -17.45 15.06
C HIS A 119 13.77 -17.24 13.97
N ILE A 120 12.92 -18.26 13.78
CA ILE A 120 11.88 -18.29 12.75
C ILE A 120 10.49 -18.45 13.38
N LEU A 121 9.52 -17.60 12.98
CA LEU A 121 8.16 -17.68 13.51
C LEU A 121 7.12 -17.68 12.39
N PRO A 122 6.00 -18.43 12.52
CA PRO A 122 4.98 -18.40 11.46
C PRO A 122 4.11 -17.13 11.50
N VAL A 123 3.36 -16.88 10.41
CA VAL A 123 2.41 -15.77 10.30
C VAL A 123 1.06 -16.30 10.74
N ASP A 124 0.35 -15.57 11.63
CA ASP A 124 -0.94 -16.02 12.18
C ASP A 124 -1.96 -16.46 11.13
N ASP A 125 -2.20 -15.65 10.09
CA ASP A 125 -3.22 -15.99 9.09
C ASP A 125 -2.96 -17.30 8.32
N THR A 126 -1.76 -17.92 8.49
CA THR A 126 -1.45 -19.20 7.83
C THR A 126 -1.52 -20.36 8.80
N VAL A 127 -1.47 -20.07 10.14
CA VAL A 127 -1.50 -21.10 11.19
C VAL A 127 -2.83 -21.13 11.98
N GLU A 128 -3.94 -20.67 11.35
CA GLU A 128 -5.26 -20.66 11.97
C GLU A 128 -5.78 -22.09 12.05
N GLY A 129 -5.94 -22.59 13.27
CA GLY A 129 -6.41 -23.96 13.51
C GLY A 129 -5.31 -24.99 13.64
N VAL A 130 -4.08 -24.63 13.22
CA VAL A 130 -2.93 -25.54 13.28
C VAL A 130 -2.42 -25.71 14.73
N THR A 131 -2.05 -26.95 15.09
CA THR A 131 -1.56 -27.29 16.43
C THR A 131 -0.31 -28.16 16.35
N GLY A 132 0.37 -28.31 17.49
CA GLY A 132 1.59 -29.12 17.57
C GLY A 132 2.84 -28.35 17.17
N ASN A 133 4.00 -29.02 17.25
CA ASN A 133 5.29 -28.40 16.92
C ASN A 133 5.46 -28.21 15.41
N LEU A 134 5.63 -26.95 14.99
CA LEU A 134 5.80 -26.59 13.58
C LEU A 134 7.15 -26.99 13.03
N PHE A 135 8.14 -27.22 13.91
CA PHE A 135 9.49 -27.58 13.51
C PHE A 135 9.53 -28.96 12.87
N ASP A 136 9.01 -30.00 13.57
CA ASP A 136 9.02 -31.38 13.07
C ASP A 136 8.16 -31.56 11.83
N ALA A 137 7.09 -30.76 11.71
CA ALA A 137 6.16 -30.84 10.59
C ALA A 137 6.61 -30.05 9.36
N TYR A 138 7.19 -28.84 9.56
CA TYR A 138 7.56 -27.98 8.43
C TYR A 138 9.06 -27.63 8.29
N LEU A 139 9.63 -26.85 9.25
CA LEU A 139 11.02 -26.37 9.17
C LEU A 139 12.09 -27.48 9.10
N LYS A 140 11.93 -28.58 9.87
CA LYS A 140 12.93 -29.68 9.89
C LYS A 140 13.15 -30.29 8.49
N PRO A 141 12.11 -30.82 7.77
CA PRO A 141 12.37 -31.36 6.42
C PRO A 141 12.66 -30.29 5.37
N TYR A 142 12.34 -29.02 5.67
CA TYR A 142 12.55 -27.88 4.77
C TYR A 142 14.03 -27.53 4.62
N PHE A 143 14.75 -27.41 5.76
CA PHE A 143 16.15 -27.05 5.79
C PHE A 143 17.11 -28.23 5.68
N LEU A 144 16.64 -29.46 6.00
CA LEU A 144 17.43 -30.71 6.04
C LEU A 144 18.33 -30.93 4.81
N GLU A 145 19.66 -30.89 5.04
CA GLU A 145 20.74 -31.08 4.03
C GLU A 145 20.57 -30.20 2.77
N ALA A 146 19.78 -29.11 2.88
CA ALA A 146 19.50 -28.18 1.79
C ALA A 146 20.46 -27.00 1.78
N TYR A 147 21.09 -26.68 2.95
CA TYR A 147 22.03 -25.56 3.13
C TYR A 147 21.43 -24.27 2.55
N ARG A 148 20.29 -23.86 3.09
CA ARG A 148 19.55 -22.73 2.59
C ARG A 148 20.06 -21.39 3.07
N PRO A 149 20.35 -20.45 2.12
CA PRO A 149 20.70 -19.09 2.52
C PRO A 149 19.49 -18.44 3.18
N VAL A 150 19.70 -17.77 4.30
CA VAL A 150 18.61 -17.14 5.04
C VAL A 150 18.98 -15.71 5.40
N ARG A 151 18.07 -14.77 5.12
CA ARG A 151 18.26 -13.35 5.37
C ARG A 151 17.14 -12.86 6.32
N LYS A 152 17.51 -12.02 7.33
CA LYS A 152 16.57 -11.48 8.32
C LYS A 152 15.48 -10.62 7.66
N GLY A 153 14.24 -10.81 8.08
CA GLY A 153 13.09 -10.08 7.57
C GLY A 153 12.37 -10.80 6.45
N ASP A 154 13.00 -11.87 5.93
CA ASP A 154 12.47 -12.68 4.84
C ASP A 154 11.24 -13.45 5.24
N LEU A 155 10.40 -13.80 4.26
CA LEU A 155 9.23 -14.62 4.47
C LEU A 155 9.25 -15.75 3.46
N PHE A 156 9.00 -16.96 3.92
CA PHE A 156 9.03 -18.14 3.07
C PHE A 156 7.81 -19.04 3.27
N LEU A 157 7.56 -19.92 2.30
CA LEU A 157 6.41 -20.81 2.33
C LEU A 157 6.86 -22.27 2.38
N VAL A 158 6.28 -23.03 3.32
CA VAL A 158 6.53 -24.46 3.46
C VAL A 158 5.21 -25.21 3.22
N ARG A 159 5.23 -26.24 2.35
CA ARG A 159 4.05 -27.02 1.98
C ARG A 159 4.01 -28.39 2.69
N GLY A 160 2.83 -28.82 3.06
CA GLY A 160 2.60 -30.11 3.72
C GLY A 160 1.45 -30.07 4.68
N GLY A 161 0.85 -31.25 4.91
CA GLY A 161 -0.29 -31.43 5.82
C GLY A 161 -1.55 -30.73 5.38
N MET A 162 -1.94 -30.90 4.09
CA MET A 162 -3.15 -30.33 3.47
C MET A 162 -3.18 -28.79 3.43
N ARG A 163 -2.07 -28.12 3.75
CA ARG A 163 -2.00 -26.66 3.74
C ARG A 163 -0.58 -26.13 3.48
N SER A 164 -0.40 -24.81 3.56
CA SER A 164 0.92 -24.18 3.45
C SER A 164 1.09 -23.13 4.55
N VAL A 165 2.23 -23.17 5.27
CA VAL A 165 2.51 -22.22 6.34
C VAL A 165 3.54 -21.17 5.90
N GLU A 166 3.26 -19.89 6.18
CA GLU A 166 4.17 -18.78 5.88
C GLU A 166 4.97 -18.49 7.15
N PHE A 167 6.30 -18.48 7.04
CA PHE A 167 7.18 -18.20 8.18
C PHE A 167 7.99 -16.93 7.94
N LYS A 168 8.39 -16.24 9.01
CA LYS A 168 9.22 -15.02 8.96
C LYS A 168 10.57 -15.27 9.61
N VAL A 169 11.65 -14.77 9.01
CA VAL A 169 12.98 -14.90 9.60
C VAL A 169 13.21 -13.72 10.57
N ILE A 170 12.99 -13.96 11.87
CA ILE A 170 13.06 -12.93 12.92
C ILE A 170 14.49 -12.48 13.18
N GLU A 171 15.44 -13.43 13.31
CA GLU A 171 16.86 -13.11 13.56
C GLU A 171 17.81 -14.19 13.02
N THR A 172 19.06 -13.78 12.73
CA THR A 172 20.12 -14.67 12.25
C THR A 172 21.43 -14.43 12.99
N ASP A 173 22.18 -15.50 13.26
CA ASP A 173 23.50 -15.41 13.85
C ASP A 173 24.47 -16.24 12.98
N PRO A 174 25.45 -15.62 12.26
CA PRO A 174 25.82 -14.19 12.25
C PRO A 174 24.72 -13.28 11.70
N ALA A 175 24.75 -12.00 12.10
CA ALA A 175 23.74 -10.98 11.79
C ALA A 175 23.42 -10.81 10.30
N GLU A 176 22.16 -10.40 10.04
CA GLU A 176 21.55 -10.10 8.74
C GLU A 176 21.36 -11.35 7.82
N TYR A 177 22.44 -12.11 7.51
CA TYR A 177 22.28 -13.32 6.68
C TYR A 177 23.26 -14.43 7.05
N CYS A 178 22.83 -15.69 6.84
CA CYS A 178 23.62 -16.89 7.12
C CYS A 178 23.04 -18.10 6.35
N VAL A 179 23.84 -19.17 6.17
CA VAL A 179 23.35 -20.39 5.53
C VAL A 179 22.92 -21.40 6.61
N VAL A 180 21.65 -21.86 6.58
CA VAL A 180 21.13 -22.80 7.57
C VAL A 180 21.71 -24.22 7.34
N ALA A 181 22.75 -24.54 8.13
CA ALA A 181 23.51 -25.80 8.07
C ALA A 181 23.00 -26.81 9.14
N PRO A 182 23.46 -28.09 9.12
CA PRO A 182 23.00 -29.06 10.15
C PRO A 182 23.40 -28.71 11.60
N ASP A 183 24.40 -27.83 11.77
CA ASP A 183 24.84 -27.37 13.09
C ASP A 183 24.12 -26.07 13.52
N THR A 184 23.19 -25.56 12.66
CA THR A 184 22.41 -24.34 12.95
C THR A 184 21.23 -24.66 13.82
N GLU A 185 21.11 -23.94 14.95
CA GLU A 185 19.98 -24.10 15.86
C GLU A 185 18.78 -23.33 15.29
N ILE A 186 17.63 -23.99 15.17
CA ILE A 186 16.42 -23.33 14.66
C ILE A 186 15.45 -23.11 15.81
N PHE A 187 15.23 -21.85 16.15
CA PHE A 187 14.32 -21.44 17.22
C PHE A 187 12.96 -21.03 16.65
N CYS A 188 11.88 -21.73 17.04
CA CYS A 188 10.53 -21.40 16.54
C CYS A 188 9.45 -21.52 17.61
N GLU A 189 9.67 -20.85 18.75
CA GLU A 189 8.71 -20.84 19.84
C GLU A 189 8.30 -19.42 20.19
N GLY A 190 7.03 -19.25 20.45
CA GLY A 190 6.42 -17.96 20.73
C GLY A 190 5.17 -17.75 19.91
N GLU A 191 4.45 -16.66 20.18
CA GLU A 191 3.19 -16.38 19.49
C GLU A 191 3.41 -16.00 18.04
N PRO A 192 2.59 -16.55 17.10
CA PRO A 192 2.76 -16.23 15.67
C PRO A 192 2.76 -14.73 15.41
N VAL A 193 3.57 -14.30 14.44
CA VAL A 193 3.69 -12.90 14.02
C VAL A 193 2.43 -12.50 13.22
N LYS A 194 2.07 -11.20 13.28
CA LYS A 194 0.95 -10.64 12.54
C LYS A 194 1.45 -10.05 11.20
N ARG A 195 0.69 -10.30 10.10
CA ARG A 195 1.01 -9.83 8.75
C ARG A 195 1.10 -8.29 8.67
N GLU A 196 2.18 -7.78 8.01
CA GLU A 196 2.40 -6.34 7.89
C GLU A 196 2.98 -5.92 6.52
N ASP A 197 2.18 -5.15 5.73
CA ASP A 197 2.52 -4.54 4.42
C ASP A 197 3.02 -5.57 3.35
N GLU A 198 2.69 -6.85 3.51
CA GLU A 198 3.07 -7.90 2.57
C GLU A 198 1.89 -8.81 2.28
N GLU A 199 1.65 -9.09 0.98
CA GLU A 199 0.55 -9.97 0.55
C GLU A 199 0.84 -11.44 0.85
N ARG A 200 -0.20 -12.27 0.93
CA ARG A 200 -0.09 -13.70 1.24
C ARG A 200 0.73 -14.44 0.17
N LEU A 201 1.68 -15.30 0.58
CA LEU A 201 2.49 -16.09 -0.36
C LEU A 201 1.66 -17.21 -1.01
N ASP A 202 0.50 -17.53 -0.38
CA ASP A 202 -0.40 -18.56 -0.88
C ASP A 202 -1.39 -17.98 -1.91
N ASP A 203 -1.31 -16.64 -2.16
CA ASP A 203 -2.14 -15.96 -3.15
C ASP A 203 -1.91 -16.60 -4.50
N VAL A 204 -2.97 -16.68 -5.29
CA VAL A 204 -2.97 -17.29 -6.59
C VAL A 204 -2.02 -16.56 -7.58
N GLY A 205 -1.15 -17.32 -8.21
CA GLY A 205 -0.17 -16.87 -9.19
C GLY A 205 -0.22 -17.70 -10.44
N TYR A 206 0.62 -17.39 -11.43
CA TYR A 206 0.68 -18.12 -12.70
C TYR A 206 1.02 -19.60 -12.50
N ASP A 207 1.73 -19.93 -11.40
CA ASP A 207 2.12 -21.29 -11.02
C ASP A 207 0.94 -22.12 -10.51
N ASP A 208 -0.23 -21.46 -10.28
CA ASP A 208 -1.44 -22.11 -9.80
C ASP A 208 -2.45 -22.38 -10.94
N VAL A 209 -2.13 -21.91 -12.17
CA VAL A 209 -3.00 -22.10 -13.35
C VAL A 209 -2.36 -23.07 -14.35
N GLY A 210 -2.97 -24.25 -14.52
CA GLY A 210 -2.46 -25.27 -15.42
C GLY A 210 -3.35 -25.63 -16.59
N GLY A 211 -2.73 -26.13 -17.66
CA GLY A 211 -3.42 -26.57 -18.85
C GLY A 211 -3.81 -25.48 -19.84
N VAL A 212 -3.37 -24.23 -19.59
CA VAL A 212 -3.70 -23.09 -20.46
C VAL A 212 -2.43 -22.27 -20.81
N ARG A 213 -1.31 -22.97 -21.09
CA ARG A 213 0.00 -22.39 -21.43
C ARG A 213 -0.09 -21.30 -22.52
N LYS A 214 -0.69 -21.63 -23.69
CA LYS A 214 -0.84 -20.72 -24.83
C LYS A 214 -1.75 -19.54 -24.50
N GLN A 215 -2.88 -19.81 -23.83
CA GLN A 215 -3.87 -18.80 -23.46
C GLN A 215 -3.31 -17.82 -22.44
N MET A 216 -2.51 -18.33 -21.48
CA MET A 216 -1.88 -17.52 -20.44
C MET A 216 -0.87 -16.56 -21.02
N ALA A 217 -0.03 -17.05 -21.97
CA ALA A 217 0.97 -16.25 -22.66
C ALA A 217 0.29 -15.11 -23.43
N GLN A 218 -0.85 -15.42 -24.11
CA GLN A 218 -1.64 -14.44 -24.86
C GLN A 218 -2.14 -13.33 -23.95
N ILE A 219 -2.82 -13.70 -22.83
CA ILE A 219 -3.35 -12.74 -21.84
C ILE A 219 -2.23 -11.87 -21.29
N ARG A 220 -1.13 -12.50 -20.87
CA ARG A 220 0.06 -11.85 -20.31
C ARG A 220 0.64 -10.77 -21.23
N GLU A 221 0.74 -11.06 -22.54
CA GLU A 221 1.26 -10.12 -23.54
C GLU A 221 0.39 -8.88 -23.62
N LEU A 222 -0.95 -9.06 -23.57
CA LEU A 222 -1.94 -8.00 -23.68
C LEU A 222 -2.03 -7.11 -22.46
N VAL A 223 -1.81 -7.69 -21.26
CA VAL A 223 -2.02 -6.97 -20.00
C VAL A 223 -0.74 -6.42 -19.37
N GLU A 224 0.39 -7.18 -19.43
CA GLU A 224 1.65 -6.83 -18.78
C GLU A 224 2.16 -5.43 -19.18
N LEU A 225 2.19 -5.11 -20.48
CA LEU A 225 2.63 -3.78 -20.87
C LEU A 225 1.70 -2.64 -20.33
N PRO A 226 0.35 -2.66 -20.58
CA PRO A 226 -0.51 -1.60 -20.04
C PRO A 226 -0.57 -1.47 -18.51
N LEU A 227 -0.41 -2.60 -17.78
CA LEU A 227 -0.51 -2.62 -16.32
C LEU A 227 0.83 -2.45 -15.59
N ARG A 228 1.94 -2.95 -16.17
CA ARG A 228 3.26 -2.83 -15.54
C ARG A 228 3.95 -1.53 -15.95
N HIS A 229 3.76 -1.09 -17.21
CA HIS A 229 4.33 0.16 -17.71
C HIS A 229 3.20 1.06 -18.24
N PRO A 230 2.36 1.66 -17.33
CA PRO A 230 1.24 2.47 -17.82
C PRO A 230 1.67 3.83 -18.39
N GLN A 231 2.74 4.41 -17.85
CA GLN A 231 3.28 5.69 -18.29
C GLN A 231 3.98 5.60 -19.66
N LEU A 232 4.24 4.37 -20.13
CA LEU A 232 4.90 4.11 -21.41
C LEU A 232 4.03 4.50 -22.60
N PHE A 233 2.70 4.28 -22.52
CA PHE A 233 1.76 4.64 -23.59
C PHE A 233 1.39 6.11 -23.57
N LYS A 234 1.97 6.90 -22.65
CA LYS A 234 1.77 8.34 -22.64
C LYS A 234 2.69 8.94 -23.70
N SER A 235 3.91 8.39 -23.84
CA SER A 235 4.90 8.80 -24.84
C SER A 235 4.52 8.24 -26.22
N ILE A 236 4.12 6.94 -26.28
CA ILE A 236 3.69 6.29 -27.52
C ILE A 236 2.23 6.69 -27.82
N GLY A 237 1.91 6.87 -29.09
CA GLY A 237 0.55 7.22 -29.53
C GLY A 237 -0.35 6.02 -29.74
N VAL A 238 0.09 4.83 -29.27
CA VAL A 238 -0.65 3.57 -29.40
C VAL A 238 -1.53 3.32 -28.18
N LYS A 239 -2.85 3.15 -28.41
CA LYS A 239 -3.84 2.85 -27.37
C LYS A 239 -3.99 1.34 -27.26
N PRO A 240 -3.73 0.76 -26.08
CA PRO A 240 -3.76 -0.70 -25.94
C PRO A 240 -5.18 -1.28 -25.73
N PRO A 241 -5.32 -2.64 -25.59
CA PRO A 241 -6.66 -3.20 -25.37
C PRO A 241 -7.28 -2.81 -24.03
N LYS A 242 -8.60 -2.79 -23.97
CA LYS A 242 -9.33 -2.49 -22.74
C LYS A 242 -10.03 -3.73 -22.26
N GLY A 243 -10.86 -4.33 -23.12
CA GLY A 243 -11.67 -5.50 -22.81
C GLY A 243 -11.18 -6.80 -23.39
N ILE A 244 -11.25 -7.87 -22.57
CA ILE A 244 -10.89 -9.23 -22.94
C ILE A 244 -12.01 -10.16 -22.53
N LEU A 245 -12.48 -11.00 -23.47
CA LEU A 245 -13.50 -11.98 -23.16
C LEU A 245 -12.89 -13.36 -23.01
N LEU A 246 -12.98 -13.94 -21.80
CA LEU A 246 -12.53 -15.30 -21.51
C LEU A 246 -13.73 -16.23 -21.73
N TYR A 247 -13.53 -17.28 -22.56
CA TYR A 247 -14.57 -18.28 -22.87
C TYR A 247 -14.15 -19.64 -22.34
N GLY A 248 -15.12 -20.45 -21.95
CA GLY A 248 -14.83 -21.79 -21.45
C GLY A 248 -15.86 -22.33 -20.48
N PRO A 249 -15.97 -23.69 -20.36
CA PRO A 249 -16.97 -24.28 -19.46
C PRO A 249 -16.80 -23.90 -17.99
N PRO A 250 -17.84 -24.07 -17.13
CA PRO A 250 -17.67 -23.75 -15.70
C PRO A 250 -16.56 -24.58 -15.03
N GLY A 251 -15.77 -23.91 -14.20
CA GLY A 251 -14.66 -24.52 -13.49
C GLY A 251 -13.41 -24.72 -14.32
N SER A 252 -13.27 -23.99 -15.45
CA SER A 252 -12.09 -24.08 -16.31
C SER A 252 -10.98 -23.06 -15.94
N GLY A 253 -11.20 -22.34 -14.83
CA GLY A 253 -10.24 -21.40 -14.26
C GLY A 253 -10.28 -19.98 -14.78
N LYS A 254 -11.45 -19.53 -15.30
CA LYS A 254 -11.56 -18.14 -15.79
C LYS A 254 -11.35 -17.12 -14.65
N THR A 255 -12.05 -17.31 -13.52
CA THR A 255 -11.89 -16.46 -12.32
C THR A 255 -10.44 -16.54 -11.81
N LEU A 256 -9.85 -17.76 -11.81
CA LEU A 256 -8.49 -18.04 -11.39
C LEU A 256 -7.48 -17.24 -12.23
N ILE A 257 -7.50 -17.39 -13.59
CA ILE A 257 -6.65 -16.65 -14.52
C ILE A 257 -6.68 -15.14 -14.22
N ALA A 258 -7.88 -14.58 -14.00
CA ALA A 258 -8.07 -13.14 -13.68
C ALA A 258 -7.36 -12.74 -12.39
N ARG A 259 -7.54 -13.54 -11.31
CA ARG A 259 -6.91 -13.26 -10.02
C ARG A 259 -5.39 -13.42 -10.12
N ALA A 260 -4.94 -14.44 -10.88
CA ALA A 260 -3.53 -14.72 -11.11
C ALA A 260 -2.87 -13.53 -11.81
N VAL A 261 -3.49 -13.06 -12.90
CA VAL A 261 -2.99 -11.92 -13.67
C VAL A 261 -2.91 -10.64 -12.81
N ALA A 262 -3.96 -10.36 -12.03
CA ALA A 262 -4.01 -9.18 -11.15
C ALA A 262 -2.95 -9.22 -10.05
N ASN A 263 -2.76 -10.39 -9.41
CA ASN A 263 -1.76 -10.58 -8.36
C ASN A 263 -0.34 -10.45 -8.90
N GLU A 264 -0.07 -11.12 -10.02
CA GLU A 264 1.23 -11.10 -10.70
C GLU A 264 1.61 -9.73 -11.26
N THR A 265 0.63 -8.86 -11.55
CA THR A 265 0.90 -7.52 -12.09
C THR A 265 0.88 -6.42 -11.00
N GLY A 266 0.26 -6.70 -9.86
CA GLY A 266 0.13 -5.73 -8.79
C GLY A 266 -1.04 -4.79 -9.03
N ALA A 267 -1.84 -5.10 -10.09
CA ALA A 267 -3.03 -4.36 -10.49
C ALA A 267 -4.11 -4.49 -9.44
N PHE A 268 -4.89 -3.41 -9.24
CA PHE A 268 -6.01 -3.41 -8.29
C PHE A 268 -7.13 -4.30 -8.85
N PHE A 269 -7.57 -5.28 -8.07
CA PHE A 269 -8.58 -6.22 -8.54
C PHE A 269 -9.96 -5.95 -8.02
N PHE A 270 -10.85 -5.51 -8.92
CA PHE A 270 -12.27 -5.31 -8.60
C PHE A 270 -13.06 -6.38 -9.32
N CYS A 271 -13.86 -7.12 -8.55
CA CYS A 271 -14.66 -8.19 -9.12
C CYS A 271 -16.16 -7.88 -9.13
N ILE A 272 -16.71 -7.77 -10.35
CA ILE A 272 -18.14 -7.62 -10.59
C ILE A 272 -18.68 -9.04 -10.82
N ASN A 273 -19.77 -9.40 -10.14
CA ASN A 273 -20.36 -10.70 -10.34
C ASN A 273 -21.74 -10.55 -10.94
N GLY A 274 -21.96 -11.20 -12.09
CA GLY A 274 -23.22 -11.19 -12.83
C GLY A 274 -24.45 -11.28 -11.92
N PRO A 275 -24.63 -12.42 -11.19
CA PRO A 275 -25.77 -12.53 -10.26
C PRO A 275 -25.79 -11.49 -9.14
N GLU A 276 -24.61 -11.10 -8.61
CA GLU A 276 -24.51 -10.10 -7.54
C GLU A 276 -25.14 -8.75 -7.95
N ILE A 277 -24.84 -8.30 -9.20
CA ILE A 277 -25.39 -7.09 -9.80
C ILE A 277 -26.90 -7.27 -10.01
N MET A 278 -27.29 -8.39 -10.64
CA MET A 278 -28.69 -8.68 -11.00
C MET A 278 -29.61 -8.98 -9.80
N SER A 279 -29.03 -9.29 -8.61
CA SER A 279 -29.80 -9.54 -7.38
C SER A 279 -30.29 -8.23 -6.76
N LYS A 280 -29.62 -7.11 -7.08
CA LYS A 280 -29.95 -5.78 -6.56
C LYS A 280 -31.23 -5.23 -7.18
N LEU A 281 -31.80 -4.19 -6.56
CA LEU A 281 -33.01 -3.51 -7.03
C LEU A 281 -32.80 -2.79 -8.36
N ALA A 282 -33.90 -2.26 -8.94
CA ALA A 282 -33.83 -1.49 -10.18
C ALA A 282 -33.20 -0.13 -9.86
N GLY A 283 -32.08 0.16 -10.53
CA GLY A 283 -31.33 1.39 -10.32
C GLY A 283 -30.12 1.18 -9.44
N GLU A 284 -30.26 0.29 -8.43
CA GLU A 284 -29.16 -0.08 -7.53
C GLU A 284 -28.10 -0.88 -8.28
N SER A 285 -28.53 -1.74 -9.25
CA SER A 285 -27.63 -2.55 -10.09
C SER A 285 -26.75 -1.68 -11.00
N GLU A 286 -27.32 -0.63 -11.63
CA GLU A 286 -26.53 0.28 -12.47
C GLU A 286 -25.65 1.19 -11.62
N SER A 287 -26.15 1.68 -10.45
CA SER A 287 -25.34 2.49 -9.52
C SER A 287 -24.09 1.71 -9.07
N ASN A 288 -24.27 0.41 -8.73
CA ASN A 288 -23.19 -0.50 -8.35
C ASN A 288 -22.24 -0.70 -9.52
N LEU A 289 -22.80 -0.86 -10.73
CA LEU A 289 -22.03 -1.07 -11.95
C LEU A 289 -21.12 0.12 -12.26
N ARG A 290 -21.64 1.37 -12.12
CA ARG A 290 -20.89 2.64 -12.30
C ARG A 290 -19.76 2.73 -11.27
N LYS A 291 -20.13 2.59 -9.96
CA LYS A 291 -19.22 2.69 -8.80
C LYS A 291 -18.06 1.73 -8.90
N ALA A 292 -18.30 0.54 -9.49
CA ALA A 292 -17.26 -0.48 -9.73
C ALA A 292 -16.23 0.05 -10.73
N PHE A 293 -16.70 0.63 -11.85
CA PHE A 293 -15.84 1.22 -12.88
C PHE A 293 -15.11 2.44 -12.33
N GLU A 294 -15.79 3.28 -11.50
CA GLU A 294 -15.22 4.47 -10.87
C GLU A 294 -14.08 4.13 -9.92
N GLU A 295 -14.28 3.11 -9.05
CA GLU A 295 -13.28 2.67 -8.08
C GLU A 295 -12.01 2.17 -8.78
N ALA A 296 -12.18 1.38 -9.86
CA ALA A 296 -11.09 0.84 -10.67
C ALA A 296 -10.24 1.96 -11.29
N GLU A 297 -10.88 3.04 -11.78
CA GLU A 297 -10.18 4.19 -12.37
C GLU A 297 -9.37 4.93 -11.31
N LYS A 298 -9.94 5.07 -10.09
CA LYS A 298 -9.33 5.74 -8.95
C LYS A 298 -8.10 4.97 -8.45
N ASN A 299 -8.20 3.63 -8.37
CA ASN A 299 -7.12 2.77 -7.87
C ASN A 299 -6.28 2.14 -9.00
N ALA A 300 -6.36 2.68 -10.23
CA ALA A 300 -5.63 2.17 -11.39
C ALA A 300 -4.10 2.30 -11.27
N PRO A 301 -3.26 1.42 -11.93
CA PRO A 301 -3.62 0.29 -12.83
C PRO A 301 -4.53 -0.75 -12.18
N SER A 302 -5.66 -1.08 -12.85
CA SER A 302 -6.66 -1.99 -12.32
C SER A 302 -7.15 -3.04 -13.32
N ILE A 303 -7.78 -4.12 -12.80
CA ILE A 303 -8.43 -5.15 -13.61
C ILE A 303 -9.83 -5.34 -13.09
N ILE A 304 -10.84 -5.01 -13.91
CA ILE A 304 -12.24 -5.24 -13.54
C ILE A 304 -12.56 -6.62 -14.06
N PHE A 305 -12.99 -7.52 -13.17
CA PHE A 305 -13.37 -8.86 -13.60
C PHE A 305 -14.88 -9.04 -13.51
N ILE A 306 -15.55 -9.14 -14.66
CA ILE A 306 -16.98 -9.36 -14.70
C ILE A 306 -17.25 -10.85 -14.87
N ASP A 307 -17.56 -11.51 -13.77
CA ASP A 307 -17.84 -12.93 -13.77
C ASP A 307 -19.27 -13.16 -14.19
N GLU A 308 -19.53 -14.28 -14.93
CA GLU A 308 -20.85 -14.63 -15.46
C GLU A 308 -21.43 -13.43 -16.20
N ILE A 309 -20.62 -12.81 -17.12
CA ILE A 309 -20.97 -11.62 -17.88
C ILE A 309 -22.30 -11.78 -18.65
N ASP A 310 -22.75 -13.03 -18.88
CA ASP A 310 -24.01 -13.33 -19.57
C ASP A 310 -25.24 -13.06 -18.68
N SER A 311 -25.05 -12.92 -17.34
CA SER A 311 -26.14 -12.59 -16.40
C SER A 311 -26.52 -11.15 -16.65
N ILE A 312 -25.51 -10.27 -16.66
CA ILE A 312 -25.63 -8.89 -17.10
C ILE A 312 -25.48 -9.04 -18.65
N ALA A 313 -25.75 -8.01 -19.41
CA ALA A 313 -25.48 -8.02 -20.87
C ALA A 313 -25.75 -9.36 -21.69
N PRO A 314 -26.91 -10.03 -21.57
CA PRO A 314 -27.20 -11.13 -22.52
C PRO A 314 -27.70 -10.53 -23.88
N LYS A 315 -27.99 -11.40 -24.88
CA LYS A 315 -28.49 -10.96 -26.19
C LYS A 315 -29.81 -10.20 -26.07
N ARG A 316 -30.11 -9.28 -27.01
CA ARG A 316 -31.35 -8.49 -26.98
C ARG A 316 -32.63 -9.35 -27.12
N GLU A 317 -32.49 -10.60 -27.64
CA GLU A 317 -33.59 -11.55 -27.78
C GLU A 317 -33.89 -12.18 -26.42
N LYS A 318 -32.82 -12.57 -25.70
CA LYS A 318 -32.89 -13.22 -24.38
C LYS A 318 -33.28 -12.22 -23.25
N THR A 319 -33.31 -10.90 -23.55
CA THR A 319 -33.71 -9.90 -22.57
C THR A 319 -35.22 -9.78 -22.58
N ASN A 320 -35.87 -10.33 -21.55
CA ASN A 320 -37.32 -10.30 -21.44
C ASN A 320 -37.76 -9.32 -20.33
N GLY A 321 -36.95 -8.27 -20.15
CA GLY A 321 -37.16 -7.24 -19.13
C GLY A 321 -36.72 -5.86 -19.58
N GLU A 322 -37.47 -4.83 -19.14
CA GLU A 322 -37.21 -3.43 -19.49
C GLU A 322 -35.97 -2.89 -18.77
N VAL A 323 -35.88 -3.09 -17.43
CA VAL A 323 -34.73 -2.62 -16.65
C VAL A 323 -33.46 -3.46 -16.95
N GLU A 324 -33.65 -4.67 -17.51
CA GLU A 324 -32.56 -5.56 -17.87
C GLU A 324 -31.82 -5.02 -19.06
N ARG A 325 -32.56 -4.50 -20.06
CA ARG A 325 -31.97 -3.88 -21.25
C ARG A 325 -31.25 -2.58 -20.88
N ARG A 326 -31.72 -1.89 -19.82
CA ARG A 326 -31.09 -0.69 -19.28
C ARG A 326 -29.69 -1.01 -18.68
N ILE A 327 -29.51 -2.23 -18.14
CA ILE A 327 -28.23 -2.64 -17.57
C ILE A 327 -27.22 -3.00 -18.67
N VAL A 328 -27.67 -3.71 -19.74
CA VAL A 328 -26.82 -4.07 -20.89
C VAL A 328 -26.25 -2.77 -21.49
N SER A 329 -27.13 -1.77 -21.72
CA SER A 329 -26.76 -0.46 -22.25
C SER A 329 -25.82 0.30 -21.30
N GLN A 330 -26.04 0.16 -19.97
CA GLN A 330 -25.15 0.79 -18.98
C GLN A 330 -23.74 0.24 -19.09
N LEU A 331 -23.61 -1.09 -19.26
CA LEU A 331 -22.31 -1.74 -19.39
C LEU A 331 -21.58 -1.27 -20.64
N LEU A 332 -22.28 -1.22 -21.80
CA LEU A 332 -21.70 -0.77 -23.08
C LEU A 332 -21.14 0.64 -23.00
N THR A 333 -21.90 1.58 -22.39
CA THR A 333 -21.45 2.98 -22.24
C THR A 333 -20.33 3.15 -21.24
N LEU A 334 -20.28 2.28 -20.21
CA LEU A 334 -19.20 2.31 -19.23
C LEU A 334 -17.90 1.89 -19.90
N MET A 335 -17.97 0.87 -20.80
CA MET A 335 -16.86 0.39 -21.62
C MET A 335 -16.39 1.48 -22.60
N ASP A 336 -17.36 2.17 -23.25
CA ASP A 336 -17.08 3.25 -24.21
C ASP A 336 -16.48 4.46 -23.49
N GLY A 337 -17.03 4.80 -22.32
CA GLY A 337 -16.58 5.92 -21.50
C GLY A 337 -15.21 5.73 -20.87
N LEU A 338 -14.75 4.45 -20.80
CA LEU A 338 -13.42 4.11 -20.29
C LEU A 338 -12.36 4.52 -21.29
N LYS A 339 -11.32 5.24 -20.84
CA LYS A 339 -10.23 5.69 -21.71
C LYS A 339 -8.98 4.82 -21.49
N SER A 340 -8.04 4.80 -22.48
CA SER A 340 -6.78 4.06 -22.35
C SER A 340 -5.95 4.67 -21.22
N ARG A 341 -5.96 6.04 -21.16
CA ARG A 341 -5.30 6.87 -20.13
C ARG A 341 -5.73 6.51 -18.67
N ALA A 342 -6.88 5.78 -18.51
CA ALA A 342 -7.39 5.38 -17.20
C ALA A 342 -6.62 4.21 -16.59
N HIS A 343 -5.90 3.43 -17.44
CA HIS A 343 -5.10 2.25 -17.07
C HIS A 343 -5.93 1.16 -16.41
N VAL A 344 -7.11 0.86 -16.98
CA VAL A 344 -8.02 -0.17 -16.47
C VAL A 344 -8.28 -1.19 -17.57
N ILE A 345 -8.07 -2.47 -17.26
CA ILE A 345 -8.38 -3.55 -18.19
C ILE A 345 -9.59 -4.33 -17.68
N VAL A 346 -10.63 -4.43 -18.51
CA VAL A 346 -11.84 -5.15 -18.17
C VAL A 346 -11.81 -6.59 -18.71
N MET A 347 -11.96 -7.56 -17.82
CA MET A 347 -11.99 -8.96 -18.18
C MET A 347 -13.38 -9.54 -17.95
N GLY A 348 -14.00 -10.00 -19.02
CA GLY A 348 -15.30 -10.64 -18.95
C GLY A 348 -15.17 -12.14 -19.04
N ALA A 349 -16.05 -12.88 -18.36
CA ALA A 349 -16.01 -14.33 -18.40
C ALA A 349 -17.41 -14.91 -18.56
N THR A 350 -17.54 -15.89 -19.47
CA THR A 350 -18.78 -16.60 -19.74
C THR A 350 -18.53 -17.99 -20.31
N ASN A 351 -19.43 -18.93 -19.98
CA ASN A 351 -19.40 -20.29 -20.48
C ASN A 351 -20.35 -20.38 -21.68
N ARG A 352 -21.12 -19.29 -21.92
CA ARG A 352 -22.06 -19.19 -23.04
C ARG A 352 -21.66 -17.99 -23.93
N PRO A 353 -20.60 -18.12 -24.78
CA PRO A 353 -20.19 -16.98 -25.63
C PRO A 353 -21.24 -16.53 -26.64
N ASN A 354 -22.09 -17.46 -27.08
CA ASN A 354 -23.13 -17.21 -28.08
C ASN A 354 -24.40 -16.61 -27.47
N SER A 355 -24.51 -16.55 -26.13
CA SER A 355 -25.66 -15.95 -25.45
C SER A 355 -25.39 -14.47 -25.10
N ILE A 356 -24.10 -14.10 -25.11
CA ILE A 356 -23.62 -12.75 -24.84
C ILE A 356 -24.05 -11.80 -25.98
N ASP A 357 -24.42 -10.55 -25.62
CA ASP A 357 -24.83 -9.54 -26.59
C ASP A 357 -23.68 -9.25 -27.58
N PRO A 358 -23.95 -9.29 -28.91
CA PRO A 358 -22.86 -9.06 -29.89
C PRO A 358 -22.25 -7.66 -29.85
N ALA A 359 -22.97 -6.68 -29.25
CA ALA A 359 -22.49 -5.29 -29.12
C ALA A 359 -21.24 -5.18 -28.21
N LEU A 360 -20.99 -6.19 -27.35
CA LEU A 360 -19.83 -6.20 -26.46
C LEU A 360 -18.54 -6.45 -27.25
N ARG A 361 -18.62 -7.26 -28.32
CA ARG A 361 -17.48 -7.63 -29.17
C ARG A 361 -16.96 -6.46 -30.05
N ARG A 362 -17.64 -5.31 -30.01
CA ARG A 362 -17.30 -4.11 -30.78
C ARG A 362 -15.93 -3.54 -30.38
N PHE A 363 -15.24 -2.90 -31.33
CA PHE A 363 -13.96 -2.24 -31.13
C PHE A 363 -14.15 -1.05 -30.20
N GLY A 364 -13.46 -1.10 -29.06
CA GLY A 364 -13.56 -0.09 -28.01
C GLY A 364 -14.12 -0.67 -26.73
N ARG A 365 -14.78 -1.84 -26.85
CA ARG A 365 -15.34 -2.57 -25.73
C ARG A 365 -14.49 -3.85 -25.50
N PHE A 366 -15.02 -5.04 -25.83
CA PHE A 366 -14.28 -6.29 -25.71
C PHE A 366 -13.63 -6.66 -27.07
N ASP A 367 -12.50 -6.00 -27.39
CA ASP A 367 -11.75 -6.18 -28.65
C ASP A 367 -11.18 -7.59 -28.81
N ARG A 368 -10.58 -8.15 -27.73
CA ARG A 368 -9.97 -9.47 -27.81
C ARG A 368 -10.75 -10.55 -27.04
N GLU A 369 -10.69 -11.79 -27.57
CA GLU A 369 -11.38 -12.96 -27.03
C GLU A 369 -10.42 -14.15 -26.90
N ILE A 370 -10.37 -14.75 -25.69
CA ILE A 370 -9.52 -15.91 -25.40
C ILE A 370 -10.40 -17.11 -25.06
N ASP A 371 -10.22 -18.22 -25.79
CA ASP A 371 -10.97 -19.44 -25.52
C ASP A 371 -10.15 -20.42 -24.70
N ILE A 372 -10.54 -20.59 -23.43
CA ILE A 372 -9.94 -21.51 -22.47
C ILE A 372 -10.79 -22.77 -22.49
N GLY A 373 -10.42 -23.75 -23.31
CA GLY A 373 -11.21 -24.96 -23.46
C GLY A 373 -11.05 -25.95 -22.33
N VAL A 374 -11.14 -27.25 -22.65
CA VAL A 374 -10.94 -28.33 -21.68
C VAL A 374 -9.48 -28.79 -21.77
N PRO A 375 -8.80 -29.04 -20.62
CA PRO A 375 -7.38 -29.42 -20.70
C PRO A 375 -7.15 -30.83 -21.23
N ASP A 376 -6.06 -31.02 -21.99
CA ASP A 376 -5.69 -32.33 -22.54
C ASP A 376 -4.91 -33.12 -21.47
N GLU A 377 -4.52 -34.38 -21.78
CA GLU A 377 -3.77 -35.25 -20.87
C GLU A 377 -2.62 -34.50 -20.15
N ILE A 378 -1.81 -33.75 -20.91
CA ILE A 378 -0.69 -32.97 -20.38
C ILE A 378 -1.19 -31.87 -19.43
N GLY A 379 -2.19 -31.12 -19.90
CA GLY A 379 -2.81 -30.03 -19.14
C GLY A 379 -3.45 -30.48 -17.84
N ARG A 380 -4.06 -31.67 -17.84
CA ARG A 380 -4.69 -32.26 -16.65
C ARG A 380 -3.64 -32.66 -15.62
N LEU A 381 -2.51 -33.24 -16.07
CA LEU A 381 -1.39 -33.62 -15.20
C LEU A 381 -0.86 -32.38 -14.46
N GLU A 382 -0.76 -31.23 -15.16
CA GLU A 382 -0.33 -29.94 -14.61
C GLU A 382 -1.27 -29.52 -13.49
N VAL A 383 -2.60 -29.60 -13.74
CA VAL A 383 -3.65 -29.24 -12.79
C VAL A 383 -3.58 -30.15 -11.56
N LEU A 384 -3.31 -31.46 -11.78
CA LEU A 384 -3.20 -32.45 -10.70
C LEU A 384 -1.99 -32.17 -9.81
N ARG A 385 -0.90 -31.68 -10.40
CA ARG A 385 0.31 -31.31 -9.65
C ARG A 385 0.03 -30.12 -8.72
N ILE A 386 -0.77 -29.16 -9.19
CA ILE A 386 -1.13 -27.95 -8.45
C ILE A 386 -1.93 -28.26 -7.16
N HIS A 387 -2.90 -29.18 -7.23
CA HIS A 387 -3.75 -29.49 -6.09
C HIS A 387 -3.27 -30.69 -5.28
N THR A 388 -1.96 -31.01 -5.35
CA THR A 388 -1.31 -32.06 -4.58
C THR A 388 -0.01 -31.50 -3.96
N LYS A 389 0.20 -30.15 -4.14
CA LYS A 389 1.32 -29.34 -3.65
C LYS A 389 1.47 -29.42 -2.15
N ASN A 390 0.35 -29.30 -1.42
CA ASN A 390 0.32 -29.33 0.03
C ASN A 390 -0.07 -30.71 0.57
N MET A 391 -0.01 -31.73 -0.30
CA MET A 391 -0.40 -33.10 0.02
C MET A 391 0.76 -34.07 -0.03
N LYS A 392 0.83 -34.99 0.95
CA LYS A 392 1.81 -36.05 0.93
C LYS A 392 1.23 -37.19 0.06
N LEU A 393 1.96 -37.56 -1.00
CA LEU A 393 1.51 -38.60 -1.92
C LEU A 393 2.37 -39.84 -1.78
N ALA A 394 1.74 -41.02 -1.91
CA ALA A 394 2.44 -42.30 -1.88
C ALA A 394 3.17 -42.54 -3.20
N GLU A 395 4.09 -43.52 -3.24
CA GLU A 395 4.80 -43.90 -4.48
C GLU A 395 3.82 -44.64 -5.38
N ASP A 396 2.78 -45.26 -4.77
CA ASP A 396 1.70 -45.98 -5.42
C ASP A 396 0.80 -45.02 -6.22
N VAL A 397 0.94 -43.70 -5.96
CA VAL A 397 0.22 -42.65 -6.68
C VAL A 397 0.89 -42.43 -8.02
N ASP A 398 0.09 -42.36 -9.09
CA ASP A 398 0.55 -42.09 -10.45
C ASP A 398 -0.34 -40.99 -11.06
N LEU A 399 0.06 -39.71 -10.87
CA LEU A 399 -0.69 -38.56 -11.38
C LEU A 399 -0.76 -38.55 -12.91
N GLU A 400 0.19 -39.23 -13.58
CA GLU A 400 0.23 -39.40 -15.03
C GLU A 400 -0.93 -40.31 -15.46
N ARG A 401 -1.19 -41.38 -14.68
CA ARG A 401 -2.26 -42.33 -14.96
C ARG A 401 -3.64 -41.73 -14.68
N ILE A 402 -3.74 -40.88 -13.64
CA ILE A 402 -5.00 -40.21 -13.30
C ILE A 402 -5.40 -39.27 -14.45
N SER A 403 -4.42 -38.49 -14.99
CA SER A 403 -4.65 -37.59 -16.12
C SER A 403 -5.05 -38.37 -17.39
N LYS A 404 -4.53 -39.60 -17.56
CA LYS A 404 -4.86 -40.48 -18.68
C LYS A 404 -6.34 -40.89 -18.60
N ASP A 405 -6.84 -41.15 -17.37
CA ASP A 405 -8.22 -41.59 -17.12
C ASP A 405 -9.25 -40.46 -17.09
N THR A 406 -8.90 -39.31 -16.46
CA THR A 406 -9.82 -38.17 -16.27
C THR A 406 -10.07 -37.35 -17.56
N HIS A 407 -10.33 -38.04 -18.68
CA HIS A 407 -10.66 -37.39 -19.93
C HIS A 407 -12.02 -36.71 -19.76
N GLY A 408 -12.12 -35.46 -20.21
CA GLY A 408 -13.35 -34.67 -20.12
C GLY A 408 -13.55 -33.99 -18.78
N TYR A 409 -12.46 -33.88 -17.99
CA TYR A 409 -12.49 -33.21 -16.70
C TYR A 409 -11.93 -31.80 -16.88
N VAL A 410 -12.57 -30.79 -16.25
CA VAL A 410 -12.03 -29.42 -16.27
C VAL A 410 -11.15 -29.21 -15.02
N GLY A 411 -10.60 -28.00 -14.87
CA GLY A 411 -9.75 -27.67 -13.73
C GLY A 411 -10.38 -27.93 -12.38
N ALA A 412 -11.67 -27.54 -12.21
CA ALA A 412 -12.41 -27.72 -10.97
C ALA A 412 -12.68 -29.19 -10.66
N ASP A 413 -12.97 -30.00 -11.70
CA ASP A 413 -13.24 -31.44 -11.60
C ASP A 413 -12.03 -32.14 -11.05
N LEU A 414 -10.83 -31.77 -11.53
CA LEU A 414 -9.56 -32.32 -11.07
C LEU A 414 -9.21 -31.83 -9.66
N ALA A 415 -9.53 -30.54 -9.35
CA ALA A 415 -9.31 -29.93 -8.04
C ALA A 415 -10.19 -30.62 -6.98
N ALA A 416 -11.43 -30.97 -7.36
CA ALA A 416 -12.38 -31.65 -6.48
C ALA A 416 -11.95 -33.09 -6.22
N LEU A 417 -11.31 -33.75 -7.23
CA LEU A 417 -10.84 -35.11 -7.13
C LEU A 417 -9.73 -35.22 -6.09
N CYS A 418 -8.87 -34.19 -6.02
CA CYS A 418 -7.78 -34.12 -5.06
C CYS A 418 -8.31 -33.91 -3.64
N THR A 419 -9.24 -32.95 -3.45
CA THR A 419 -9.84 -32.66 -2.14
C THR A 419 -10.64 -33.86 -1.62
N GLU A 420 -11.31 -34.61 -2.52
CA GLU A 420 -12.06 -35.82 -2.13
C GLU A 420 -11.11 -36.95 -1.72
N ALA A 421 -10.00 -37.13 -2.48
CA ALA A 421 -8.97 -38.14 -2.17
C ALA A 421 -8.26 -37.76 -0.86
N ALA A 422 -8.21 -36.44 -0.57
CA ALA A 422 -7.60 -35.93 0.66
C ALA A 422 -8.48 -36.26 1.88
N LEU A 423 -9.81 -36.07 1.75
CA LEU A 423 -10.78 -36.40 2.82
C LEU A 423 -10.86 -37.91 3.03
N GLN A 424 -10.86 -38.68 1.92
CA GLN A 424 -10.86 -40.14 1.95
C GLN A 424 -9.64 -40.66 2.71
N CYS A 425 -8.53 -39.90 2.67
CA CYS A 425 -7.29 -40.24 3.36
C CYS A 425 -7.40 -39.91 4.84
N ILE A 426 -8.06 -38.78 5.17
CA ILE A 426 -8.26 -38.32 6.55
C ILE A 426 -9.12 -39.32 7.32
N ARG A 427 -10.25 -39.73 6.73
CA ARG A 427 -11.18 -40.69 7.33
C ARG A 427 -10.56 -42.09 7.48
N GLU A 428 -9.93 -42.61 6.40
CA GLU A 428 -9.32 -43.94 6.34
C GLU A 428 -8.13 -44.14 7.27
N LYS A 429 -7.25 -43.13 7.36
CA LYS A 429 -6.04 -43.23 8.19
C LYS A 429 -6.30 -42.83 9.65
N MET A 430 -7.03 -41.70 9.88
CA MET A 430 -7.27 -41.22 11.24
C MET A 430 -8.60 -41.69 11.83
N ASP A 431 -8.54 -42.34 13.00
CA ASP A 431 -9.72 -42.89 13.68
C ASP A 431 -10.35 -41.87 14.65
N VAL A 432 -9.92 -41.88 15.94
CA VAL A 432 -10.41 -40.96 16.97
C VAL A 432 -9.27 -40.13 17.58
N ILE A 433 -9.29 -38.80 17.37
CA ILE A 433 -8.27 -37.87 17.85
C ILE A 433 -8.81 -36.95 18.95
N ASP A 434 -9.94 -36.25 18.68
CA ASP A 434 -10.61 -35.32 19.59
C ASP A 434 -10.91 -35.96 20.96
N SER A 439 -9.33 -31.37 15.14
CA SER A 439 -8.56 -31.56 16.37
C SER A 439 -7.12 -32.07 16.12
N ILE A 440 -6.81 -32.51 14.87
CA ILE A 440 -5.47 -33.05 14.46
C ILE A 440 -4.36 -32.00 14.55
N ASP A 441 -3.13 -32.44 14.92
CA ASP A 441 -1.96 -31.57 14.95
C ASP A 441 -1.07 -31.75 13.70
N ALA A 442 -0.31 -30.71 13.34
CA ALA A 442 0.51 -30.59 12.14
C ALA A 442 1.45 -31.77 11.84
N GLU A 443 2.23 -32.25 12.85
CA GLU A 443 3.22 -33.33 12.65
C GLU A 443 2.59 -34.68 12.21
N ILE A 444 1.30 -34.92 12.56
CA ILE A 444 0.55 -36.12 12.19
C ILE A 444 -0.11 -35.94 10.81
N LEU A 445 -0.59 -34.71 10.51
CA LEU A 445 -1.19 -34.39 9.20
C LEU A 445 -0.14 -34.47 8.08
N ASN A 446 1.09 -34.01 8.38
CA ASN A 446 2.20 -33.98 7.43
C ASN A 446 2.71 -35.40 7.11
N SER A 447 2.43 -36.37 8.00
CA SER A 447 2.90 -37.75 7.84
C SER A 447 1.93 -38.66 7.04
N MET A 448 0.61 -38.38 7.09
CA MET A 448 -0.38 -39.20 6.37
C MET A 448 -0.33 -38.99 4.87
N ALA A 449 -0.15 -40.08 4.11
CA ALA A 449 -0.04 -40.03 2.66
C ALA A 449 -1.31 -40.47 1.96
N VAL A 450 -1.71 -39.72 0.93
CA VAL A 450 -2.86 -40.05 0.09
C VAL A 450 -2.43 -41.15 -0.86
N THR A 451 -3.15 -42.27 -0.87
CA THR A 451 -2.83 -43.45 -1.67
C THR A 451 -3.62 -43.48 -2.98
N ASN A 452 -3.22 -44.39 -3.91
CA ASN A 452 -3.91 -44.62 -5.18
C ASN A 452 -5.34 -45.13 -4.91
N GLU A 453 -5.55 -45.83 -3.78
CA GLU A 453 -6.87 -46.32 -3.35
C GLU A 453 -7.80 -45.15 -3.01
N HIS A 454 -7.25 -44.07 -2.41
CA HIS A 454 -8.03 -42.85 -2.07
C HIS A 454 -8.45 -42.11 -3.35
N PHE A 455 -7.58 -42.11 -4.39
CA PHE A 455 -7.86 -41.47 -5.68
C PHE A 455 -8.83 -42.31 -6.50
N HIS A 456 -8.80 -43.64 -6.32
CA HIS A 456 -9.71 -44.55 -7.02
C HIS A 456 -11.12 -44.38 -6.45
N THR A 457 -11.22 -44.24 -5.11
CA THR A 457 -12.49 -44.04 -4.41
C THR A 457 -13.11 -42.68 -4.78
N ALA A 458 -12.25 -41.64 -4.96
CA ALA A 458 -12.69 -40.29 -5.34
C ALA A 458 -13.16 -40.26 -6.80
N LEU A 459 -12.52 -41.09 -7.68
CA LEU A 459 -12.86 -41.21 -9.09
C LEU A 459 -14.23 -41.88 -9.27
N GLY A 460 -14.52 -42.87 -8.41
CA GLY A 460 -15.79 -43.60 -8.40
C GLY A 460 -16.98 -42.74 -8.06
N ASN A 461 -16.75 -41.64 -7.30
CA ASN A 461 -17.81 -40.69 -6.95
C ASN A 461 -17.48 -39.27 -7.43
N SER A 462 -17.50 -39.08 -8.78
CA SER A 462 -17.20 -37.81 -9.44
C SER A 462 -18.32 -37.41 -10.41
N ASN A 463 -18.51 -36.09 -10.64
CA ASN A 463 -19.53 -35.55 -11.55
C ASN A 463 -18.92 -34.62 -12.64
N PRO A 464 -18.17 -35.14 -13.64
CA PRO A 464 -17.62 -34.25 -14.69
C PRO A 464 -18.66 -33.87 -15.74
N ARG A 468 -16.52 -33.05 -23.36
CA ARG A 468 -17.02 -33.28 -24.72
C ARG A 468 -16.53 -32.18 -25.69
N GLU A 469 -16.04 -32.58 -26.89
CA GLU A 469 -15.54 -31.63 -27.91
C GLU A 469 -15.74 -32.17 -29.33
N THR A 470 -16.54 -31.47 -30.16
CA THR A 470 -16.84 -31.87 -31.54
C THR A 470 -16.42 -30.81 -32.58
N VAL A 471 -16.18 -31.26 -33.83
CA VAL A 471 -15.78 -30.41 -34.96
C VAL A 471 -17.03 -29.79 -35.59
N LYS B 25 17.91 -3.74 24.96
CA LYS B 25 17.83 -2.87 23.79
C LYS B 25 18.21 -1.42 24.12
N SER B 26 17.79 -0.93 25.30
CA SER B 26 18.07 0.43 25.80
C SER B 26 19.60 0.68 25.96
N PRO B 27 20.10 1.95 25.84
CA PRO B 27 19.36 3.22 25.66
C PRO B 27 19.25 3.73 24.21
N ASN B 28 19.79 2.98 23.22
CA ASN B 28 19.75 3.39 21.81
C ASN B 28 18.33 3.46 21.23
N ARG B 29 17.39 2.65 21.78
CA ARG B 29 15.99 2.64 21.34
C ARG B 29 15.20 3.80 22.00
N LEU B 30 14.73 4.77 21.18
CA LEU B 30 13.98 5.94 21.67
C LEU B 30 12.58 6.07 21.03
N VAL B 31 11.67 6.82 21.69
CA VAL B 31 10.29 7.03 21.21
C VAL B 31 10.21 8.32 20.37
N VAL B 32 9.54 8.25 19.21
CA VAL B 32 9.38 9.36 18.29
C VAL B 32 8.35 10.41 18.80
N ASP B 33 8.83 11.64 19.06
CA ASP B 33 8.02 12.78 19.52
C ASP B 33 8.11 13.95 18.53
N GLU B 34 7.18 14.93 18.63
CA GLU B 34 7.11 16.11 17.75
C GLU B 34 8.33 17.02 17.94
N ALA B 35 8.71 17.75 16.89
CA ALA B 35 9.84 18.68 16.96
C ALA B 35 9.37 20.07 17.29
N ILE B 36 10.14 20.79 18.12
CA ILE B 36 9.82 22.18 18.47
C ILE B 36 10.26 23.05 17.26
N ASN B 37 11.49 22.80 16.76
CA ASN B 37 12.08 23.49 15.62
C ASN B 37 11.96 22.63 14.35
N ASP B 38 11.21 23.13 13.34
CA ASP B 38 11.00 22.43 12.06
C ASP B 38 12.23 22.55 11.14
N ASP B 39 13.15 21.57 11.25
CA ASP B 39 14.35 21.49 10.42
C ASP B 39 14.49 20.05 9.96
N ASN B 40 14.60 19.84 8.63
CA ASN B 40 14.71 18.51 8.01
C ASN B 40 15.99 17.75 8.39
N SER B 41 17.03 18.47 8.89
CA SER B 41 18.33 17.88 9.22
C SER B 41 18.61 17.76 10.72
N VAL B 42 17.75 18.32 11.58
CA VAL B 42 18.01 18.33 13.02
C VAL B 42 17.02 17.46 13.84
N VAL B 43 17.59 16.60 14.72
CA VAL B 43 16.83 15.81 15.69
C VAL B 43 17.23 16.26 17.10
N SER B 44 16.27 16.35 18.02
CA SER B 44 16.55 16.81 19.38
C SER B 44 16.45 15.68 20.40
N LEU B 45 17.44 15.60 21.30
CA LEU B 45 17.52 14.61 22.36
C LEU B 45 17.76 15.27 23.71
N HIS B 46 17.51 14.55 24.81
CA HIS B 46 17.77 15.06 26.16
C HIS B 46 19.28 15.04 26.44
N PRO B 47 19.85 16.07 27.12
CA PRO B 47 21.32 16.07 27.37
C PRO B 47 21.84 14.89 28.18
N ALA B 48 21.00 14.26 29.04
CA ALA B 48 21.42 13.09 29.81
C ALA B 48 21.43 11.85 28.92
N THR B 49 20.54 11.81 27.90
CA THR B 49 20.47 10.72 26.93
C THR B 49 21.69 10.73 26.00
N MET B 50 22.10 11.93 25.54
CA MET B 50 23.29 12.11 24.68
C MET B 50 24.57 11.79 25.45
N GLU B 51 24.57 12.02 26.79
CA GLU B 51 25.69 11.69 27.66
C GLU B 51 25.82 10.16 27.78
N LYS B 52 24.67 9.47 27.91
CA LYS B 52 24.58 8.00 27.98
C LYS B 52 25.06 7.36 26.67
N LEU B 53 24.64 7.92 25.52
CA LEU B 53 25.00 7.40 24.20
C LEU B 53 26.30 8.01 23.62
N GLN B 54 26.97 8.88 24.42
CA GLN B 54 28.24 9.54 24.06
C GLN B 54 28.16 10.28 22.71
N LEU B 55 27.22 11.23 22.62
CA LEU B 55 26.99 12.06 21.43
C LEU B 55 27.04 13.52 21.84
N PHE B 56 27.80 14.34 21.10
CA PHE B 56 27.92 15.76 21.39
C PHE B 56 26.91 16.59 20.57
N ARG B 57 26.73 17.88 20.91
CA ARG B 57 25.83 18.76 20.18
C ARG B 57 26.49 19.17 18.85
N GLY B 58 25.76 18.96 17.75
CA GLY B 58 26.26 19.24 16.41
C GLY B 58 26.75 17.99 15.69
N ASP B 59 26.89 16.88 16.44
CA ASP B 59 27.33 15.58 15.91
C ASP B 59 26.26 14.99 15.00
N THR B 60 26.70 14.42 13.88
CA THR B 60 25.78 13.76 12.94
C THR B 60 25.57 12.32 13.42
N ILE B 61 24.30 11.93 13.62
CA ILE B 61 23.96 10.58 14.07
C ILE B 61 23.17 9.83 13.00
N LEU B 62 23.26 8.50 13.01
CA LEU B 62 22.52 7.65 12.08
C LEU B 62 21.33 7.06 12.81
N ILE B 63 20.11 7.39 12.36
CA ILE B 63 18.86 6.89 12.97
C ILE B 63 18.29 5.81 12.06
N LYS B 64 17.93 4.65 12.66
CA LYS B 64 17.36 3.49 11.97
C LYS B 64 15.86 3.38 12.26
N GLY B 65 15.03 3.40 11.22
CA GLY B 65 13.59 3.31 11.35
C GLY B 65 13.01 1.99 10.87
N LYS B 66 11.80 2.05 10.31
CA LYS B 66 11.08 0.89 9.80
C LYS B 66 11.31 0.70 8.30
N LYS B 67 10.81 -0.44 7.74
CA LYS B 67 10.92 -0.81 6.32
C LYS B 67 12.35 -0.68 5.80
N ARG B 68 13.33 -1.12 6.63
CA ARG B 68 14.78 -1.09 6.42
C ARG B 68 15.29 0.28 5.90
N LYS B 69 14.67 1.36 6.36
CA LYS B 69 15.11 2.70 5.99
C LYS B 69 15.85 3.35 7.14
N ASP B 70 16.74 4.28 6.81
CA ASP B 70 17.54 5.02 7.77
C ASP B 70 17.95 6.38 7.24
N THR B 71 18.31 7.31 8.15
CA THR B 71 18.74 8.66 7.80
C THR B 71 19.82 9.20 8.72
N VAL B 72 20.48 10.30 8.31
CA VAL B 72 21.51 10.96 9.11
C VAL B 72 21.07 12.38 9.47
N CYS B 73 21.11 12.70 10.78
CA CYS B 73 20.68 14.00 11.31
C CYS B 73 21.70 14.60 12.28
N ILE B 74 21.58 15.91 12.52
CA ILE B 74 22.36 16.66 13.50
C ILE B 74 21.67 16.45 14.86
N ALA B 75 22.39 15.92 15.86
CA ALA B 75 21.83 15.71 17.18
C ALA B 75 22.00 16.98 18.02
N LEU B 76 20.90 17.44 18.68
CA LEU B 76 20.92 18.64 19.50
C LEU B 76 20.32 18.41 20.88
N ALA B 77 20.89 19.06 21.91
CA ALA B 77 20.44 18.92 23.30
C ALA B 77 19.21 19.77 23.58
N ASP B 78 18.21 19.17 24.23
CA ASP B 78 16.97 19.84 24.60
C ASP B 78 16.49 19.33 25.95
N GLU B 79 16.45 20.22 26.96
CA GLU B 79 16.02 19.89 28.33
C GLU B 79 14.53 19.56 28.39
N THR B 80 13.75 20.13 27.45
CA THR B 80 12.30 19.93 27.34
C THR B 80 11.99 18.56 26.74
N CYS B 81 12.96 17.96 26.01
CA CYS B 81 12.80 16.63 25.41
C CYS B 81 12.89 15.58 26.49
N GLU B 82 11.97 14.59 26.49
CA GLU B 82 11.96 13.52 27.47
C GLU B 82 13.18 12.62 27.31
N GLU B 83 13.70 12.07 28.42
CA GLU B 83 14.87 11.20 28.43
C GLU B 83 14.74 9.97 27.48
N PRO B 84 13.59 9.22 27.47
CA PRO B 84 13.49 8.07 26.56
C PRO B 84 12.90 8.43 25.18
N LYS B 85 12.74 9.74 24.88
CA LYS B 85 12.14 10.20 23.63
C LYS B 85 13.11 10.97 22.72
N ILE B 86 12.68 11.24 21.46
CA ILE B 86 13.45 11.96 20.43
C ILE B 86 12.54 12.91 19.65
N ARG B 87 12.96 14.17 19.50
CA ARG B 87 12.18 15.16 18.76
C ARG B 87 12.64 15.21 17.30
N MET B 88 11.68 15.07 16.37
CA MET B 88 11.93 15.10 14.92
C MET B 88 10.70 15.54 14.12
N ASN B 89 10.92 16.31 13.02
CA ASN B 89 9.83 16.82 12.18
C ASN B 89 9.28 15.72 11.23
N LYS B 90 8.16 16.02 10.55
CA LYS B 90 7.49 15.09 9.62
C LYS B 90 8.43 14.56 8.52
N VAL B 91 9.38 15.41 8.04
CA VAL B 91 10.35 15.00 7.00
C VAL B 91 11.25 13.86 7.49
N VAL B 92 11.83 14.00 8.70
CA VAL B 92 12.69 12.97 9.32
C VAL B 92 11.88 11.67 9.52
N ARG B 93 10.63 11.82 10.01
CA ARG B 93 9.69 10.72 10.26
C ARG B 93 9.36 9.93 9.01
N SER B 94 9.02 10.65 7.90
CA SER B 94 8.67 10.04 6.61
C SER B 94 9.87 9.30 6.02
N ASN B 95 11.09 9.86 6.21
CA ASN B 95 12.34 9.29 5.74
C ASN B 95 12.76 8.06 6.55
N LEU B 96 12.10 7.83 7.70
CA LEU B 96 12.39 6.67 8.55
C LEU B 96 11.23 5.68 8.53
N ARG B 97 10.14 6.00 7.78
CA ARG B 97 8.91 5.19 7.66
C ARG B 97 8.28 4.93 9.03
N VAL B 98 8.37 5.95 9.92
CA VAL B 98 7.82 5.89 11.27
C VAL B 98 6.72 6.96 11.48
N ARG B 99 6.02 6.88 12.62
CA ARG B 99 4.99 7.84 13.03
C ARG B 99 5.20 8.17 14.49
N LEU B 100 4.60 9.28 14.98
CA LEU B 100 4.73 9.70 16.38
C LEU B 100 4.30 8.56 17.33
N GLY B 101 5.19 8.21 18.26
CA GLY B 101 4.94 7.14 19.21
C GLY B 101 5.75 5.89 18.94
N ASP B 102 6.21 5.70 17.67
CA ASP B 102 7.02 4.54 17.27
C ASP B 102 8.43 4.60 17.86
N VAL B 103 9.17 3.48 17.77
CA VAL B 103 10.53 3.43 18.31
C VAL B 103 11.58 3.28 17.22
N ILE B 104 12.62 4.09 17.32
CA ILE B 104 13.76 4.09 16.41
C ILE B 104 15.02 3.82 17.22
N SER B 105 16.13 3.52 16.56
CA SER B 105 17.38 3.30 17.26
C SER B 105 18.45 4.24 16.75
N VAL B 106 19.04 5.04 17.66
CA VAL B 106 20.09 6.00 17.32
C VAL B 106 21.47 5.34 17.40
N HIS B 107 22.26 5.54 16.35
CA HIS B 107 23.60 4.97 16.24
C HIS B 107 24.60 6.04 15.82
N GLN B 108 25.87 5.92 16.21
CA GLN B 108 26.86 6.91 15.80
C GLN B 108 27.58 6.50 14.51
N CYS B 109 27.81 7.47 13.60
CA CYS B 109 28.49 7.21 12.32
C CYS B 109 29.74 8.11 12.11
N PRO B 110 30.96 7.51 12.15
CA PRO B 110 32.19 8.31 11.95
C PRO B 110 32.61 8.46 10.48
N ASP B 111 31.91 7.75 9.54
CA ASP B 111 32.20 7.78 8.10
C ASP B 111 31.74 9.09 7.42
N VAL B 112 31.06 9.98 8.19
CA VAL B 112 30.49 11.24 7.69
C VAL B 112 31.59 12.21 7.20
N LYS B 113 31.79 12.23 5.87
CA LYS B 113 32.73 13.07 5.15
C LYS B 113 31.94 14.11 4.35
N TYR B 114 32.54 15.28 4.06
CA TYR B 114 31.90 16.32 3.27
C TYR B 114 31.66 15.84 1.84
N GLY B 115 30.58 16.33 1.23
CA GLY B 115 30.20 15.93 -0.11
C GLY B 115 31.10 16.47 -1.21
N LYS B 116 31.42 15.60 -2.17
CA LYS B 116 32.17 15.95 -3.36
C LYS B 116 31.14 16.41 -4.41
N ARG B 117 30.06 15.61 -4.57
CA ARG B 117 28.96 15.90 -5.49
C ARG B 117 27.68 15.15 -5.10
N VAL B 118 26.53 15.85 -5.11
CA VAL B 118 25.22 15.25 -4.83
C VAL B 118 24.25 15.49 -6.00
N HIS B 119 23.53 14.43 -6.39
CA HIS B 119 22.53 14.49 -7.46
C HIS B 119 21.15 14.58 -6.80
N ILE B 120 20.48 15.75 -6.92
CA ILE B 120 19.16 15.98 -6.30
C ILE B 120 18.14 16.33 -7.39
N LEU B 121 17.01 15.64 -7.41
CA LEU B 121 15.94 15.89 -8.37
C LEU B 121 14.57 16.11 -7.66
N PRO B 122 13.66 16.93 -8.23
CA PRO B 122 12.36 17.14 -7.54
C PRO B 122 11.34 16.04 -7.82
N VAL B 123 10.24 16.01 -7.06
CA VAL B 123 9.14 15.06 -7.27
C VAL B 123 8.15 15.74 -8.22
N ASP B 124 7.84 15.09 -9.37
CA ASP B 124 6.97 15.64 -10.43
C ASP B 124 5.61 16.21 -9.94
N ASP B 125 4.98 15.55 -8.94
CA ASP B 125 3.68 16.02 -8.43
C ASP B 125 3.81 17.24 -7.48
N THR B 126 5.04 17.73 -7.23
CA THR B 126 5.29 18.90 -6.40
C THR B 126 5.85 20.07 -7.22
N VAL B 127 6.13 19.82 -8.53
CA VAL B 127 6.65 20.82 -9.48
C VAL B 127 5.69 21.03 -10.69
N GLU B 128 4.38 20.73 -10.50
CA GLU B 128 3.39 20.91 -11.57
C GLU B 128 3.09 22.38 -11.74
N GLY B 129 3.43 22.91 -12.91
CA GLY B 129 3.25 24.33 -13.23
C GLY B 129 4.45 25.20 -12.92
N VAL B 130 5.40 24.66 -12.14
CA VAL B 130 6.62 25.40 -11.76
C VAL B 130 7.60 25.50 -12.95
N THR B 131 8.24 26.67 -13.11
CA THR B 131 9.18 26.95 -14.20
C THR B 131 10.47 27.59 -13.68
N GLY B 132 11.49 27.64 -14.54
CA GLY B 132 12.79 28.18 -14.18
C GLY B 132 13.68 27.18 -13.49
N ASN B 133 14.85 27.61 -12.98
CA ASN B 133 15.76 26.71 -12.29
C ASN B 133 15.42 26.61 -10.79
N LEU B 134 15.36 25.36 -10.29
CA LEU B 134 15.00 25.07 -8.91
C LEU B 134 16.16 25.15 -7.93
N PHE B 135 17.40 25.29 -8.44
CA PHE B 135 18.58 25.42 -7.58
C PHE B 135 18.62 26.80 -6.94
N ASP B 136 18.57 27.88 -7.76
CA ASP B 136 18.62 29.26 -7.27
C ASP B 136 17.41 29.63 -6.40
N ALA B 137 16.25 29.02 -6.69
CA ALA B 137 15.00 29.29 -5.96
C ALA B 137 14.85 28.49 -4.67
N TYR B 138 15.27 27.20 -4.67
CA TYR B 138 15.07 26.33 -3.52
C TYR B 138 16.36 25.76 -2.86
N LEU B 139 17.09 24.88 -3.58
CA LEU B 139 18.27 24.17 -3.07
C LEU B 139 19.45 25.06 -2.59
N LYS B 140 19.73 26.18 -3.29
CA LYS B 140 20.82 27.10 -2.94
C LYS B 140 20.63 27.74 -1.54
N PRO B 141 19.51 28.44 -1.23
CA PRO B 141 19.34 29.00 0.14
C PRO B 141 19.08 27.92 1.21
N TYR B 142 18.70 26.71 0.77
CA TYR B 142 18.40 25.58 1.67
C TYR B 142 19.67 25.01 2.33
N PHE B 143 20.73 24.76 1.52
CA PHE B 143 21.99 24.18 2.02
C PHE B 143 23.04 25.21 2.43
N LEU B 144 22.85 26.50 2.03
CA LEU B 144 23.77 27.62 2.31
C LEU B 144 24.19 27.71 3.79
N GLU B 145 25.52 27.49 4.04
CA GLU B 145 26.21 27.49 5.34
C GLU B 145 25.46 26.68 6.44
N ALA B 146 24.62 25.71 6.02
CA ALA B 146 23.83 24.88 6.92
C ALA B 146 24.52 23.55 7.23
N TYR B 147 25.46 23.10 6.35
CA TYR B 147 26.21 21.83 6.49
C TYR B 147 25.26 20.67 6.78
N ARG B 148 24.32 20.45 5.85
CA ARG B 148 23.27 19.45 6.03
C ARG B 148 23.70 18.03 5.72
N PRO B 149 23.47 17.09 6.66
CA PRO B 149 23.73 15.68 6.35
C PRO B 149 22.74 15.21 5.30
N VAL B 150 23.22 14.48 4.31
CA VAL B 150 22.39 14.00 3.22
C VAL B 150 22.65 12.51 2.98
N ARG B 151 21.56 11.74 2.90
CA ARG B 151 21.60 10.28 2.68
C ARG B 151 20.83 9.95 1.40
N LYS B 152 21.38 9.04 0.56
CA LYS B 152 20.77 8.62 -0.70
C LYS B 152 19.40 7.97 -0.49
N GLY B 153 18.43 8.37 -1.33
CA GLY B 153 17.06 7.86 -1.28
C GLY B 153 16.11 8.70 -0.46
N ASP B 154 16.65 9.61 0.37
CA ASP B 154 15.87 10.50 1.23
C ASP B 154 15.07 11.50 0.41
N LEU B 155 14.02 12.05 1.02
CA LEU B 155 13.17 13.07 0.43
C LEU B 155 12.99 14.21 1.41
N PHE B 156 13.17 15.45 0.94
CA PHE B 156 13.03 16.63 1.79
C PHE B 156 12.10 17.69 1.18
N LEU B 157 11.62 18.62 2.03
CA LEU B 157 10.72 19.68 1.60
C LEU B 157 11.37 21.04 1.76
N VAL B 158 11.29 21.85 0.70
CA VAL B 158 11.81 23.21 0.69
C VAL B 158 10.62 24.16 0.45
N ARG B 159 10.50 25.20 1.29
CA ARG B 159 9.39 26.16 1.23
C ARG B 159 9.81 27.50 0.61
N GLY B 160 8.90 28.09 -0.16
CA GLY B 160 9.13 29.36 -0.82
C GLY B 160 8.39 29.48 -2.13
N GLY B 161 8.10 30.72 -2.52
CA GLY B 161 7.42 31.04 -3.77
C GLY B 161 5.98 30.56 -3.83
N MET B 162 5.20 30.83 -2.75
CA MET B 162 3.76 30.47 -2.62
C MET B 162 3.48 28.96 -2.62
N ARG B 163 4.53 28.12 -2.55
CA ARG B 163 4.36 26.66 -2.55
C ARG B 163 5.52 25.94 -1.83
N SER B 164 5.51 24.61 -1.88
CA SER B 164 6.59 23.79 -1.32
C SER B 164 6.96 22.68 -2.30
N VAL B 165 8.28 22.53 -2.57
CA VAL B 165 8.76 21.50 -3.50
C VAL B 165 9.42 20.35 -2.75
N GLU B 166 9.08 19.12 -3.15
CA GLU B 166 9.66 17.90 -2.58
C GLU B 166 10.83 17.45 -3.47
N PHE B 167 12.02 17.18 -2.86
CA PHE B 167 13.23 16.76 -3.58
C PHE B 167 13.77 15.41 -3.08
N LYS B 168 14.20 14.54 -4.02
CA LYS B 168 14.78 13.24 -3.70
C LYS B 168 16.31 13.27 -3.90
N VAL B 169 17.04 12.67 -2.96
CA VAL B 169 18.49 12.56 -3.06
C VAL B 169 18.83 11.33 -3.92
N ILE B 170 19.12 11.55 -5.21
CA ILE B 170 19.40 10.49 -6.18
C ILE B 170 20.73 9.80 -5.92
N GLU B 171 21.81 10.57 -5.70
CA GLU B 171 23.15 10.03 -5.45
C GLU B 171 24.02 10.94 -4.58
N THR B 172 25.00 10.35 -3.86
CA THR B 172 25.95 11.08 -3.02
C THR B 172 27.38 10.61 -3.26
N ASP B 173 28.34 11.53 -3.21
CA ASP B 173 29.77 11.23 -3.30
C ASP B 173 30.47 11.91 -2.12
N PRO B 174 31.02 11.18 -1.12
CA PRO B 174 31.13 9.70 -1.01
C PRO B 174 29.77 9.00 -0.92
N ALA B 175 29.72 7.71 -1.33
CA ALA B 175 28.52 6.88 -1.40
C ALA B 175 27.69 6.80 -0.10
N GLU B 176 26.37 6.52 -0.25
CA GLU B 176 25.37 6.35 0.82
C GLU B 176 25.02 7.65 1.57
N TYR B 177 26.01 8.34 2.17
CA TYR B 177 25.77 9.58 2.90
C TYR B 177 26.97 10.52 2.95
N CYS B 178 26.70 11.84 3.01
CA CYS B 178 27.71 12.90 3.07
C CYS B 178 27.09 14.21 3.60
N VAL B 179 27.93 15.15 4.09
CA VAL B 179 27.45 16.46 4.55
C VAL B 179 27.61 17.47 3.42
N VAL B 180 26.49 18.13 3.02
CA VAL B 180 26.51 19.12 1.93
C VAL B 180 27.20 20.42 2.39
N ALA B 181 28.48 20.55 2.04
CA ALA B 181 29.35 21.67 2.40
C ALA B 181 29.41 22.71 1.25
N PRO B 182 30.02 23.92 1.46
CA PRO B 182 30.09 24.90 0.35
C PRO B 182 30.92 24.45 -0.86
N ASP B 183 31.79 23.43 -0.69
CA ASP B 183 32.60 22.87 -1.76
C ASP B 183 31.88 21.68 -2.47
N THR B 184 30.67 21.32 -1.99
CA THR B 184 29.86 20.24 -2.57
C THR B 184 29.12 20.72 -3.81
N GLU B 185 29.29 20.00 -4.93
CA GLU B 185 28.59 20.32 -6.17
C GLU B 185 27.18 19.75 -6.10
N ILE B 186 26.17 20.58 -6.36
CA ILE B 186 24.79 20.15 -6.33
C ILE B 186 24.30 20.04 -7.77
N PHE B 187 24.31 18.80 -8.28
CA PHE B 187 23.92 18.44 -9.65
C PHE B 187 22.40 18.23 -9.70
N CYS B 188 21.70 18.96 -10.59
CA CYS B 188 20.23 18.90 -10.67
C CYS B 188 19.70 18.59 -12.07
N GLU B 189 20.57 18.15 -12.99
CA GLU B 189 20.17 17.82 -14.36
C GLU B 189 19.39 16.50 -14.39
N GLY B 190 18.22 16.54 -15.02
CA GLY B 190 17.36 15.38 -15.16
C GLY B 190 15.90 15.68 -14.95
N GLU B 191 15.01 14.82 -15.48
CA GLU B 191 13.56 14.98 -15.34
C GLU B 191 13.10 14.69 -13.90
N PRO B 192 12.08 15.43 -13.38
CA PRO B 192 11.62 15.18 -12.01
C PRO B 192 11.19 13.74 -11.77
N VAL B 193 11.50 13.21 -10.57
CA VAL B 193 11.21 11.84 -10.16
C VAL B 193 9.72 11.63 -9.89
N LYS B 194 9.22 10.41 -10.16
CA LYS B 194 7.83 10.04 -9.87
C LYS B 194 7.69 9.46 -8.46
N ARG B 195 6.59 9.81 -7.76
CA ARG B 195 6.32 9.37 -6.38
C ARG B 195 6.21 7.86 -6.29
N GLU B 196 6.85 7.27 -5.27
CA GLU B 196 6.85 5.81 -5.10
C GLU B 196 6.68 5.34 -3.65
N ASP B 197 5.51 4.73 -3.35
CA ASP B 197 5.14 4.10 -2.06
C ASP B 197 5.33 5.00 -0.79
N GLU B 198 5.64 6.30 -0.96
CA GLU B 198 5.83 7.24 0.15
C GLU B 198 4.88 8.44 -0.04
N GLU B 199 4.14 8.81 1.04
CA GLU B 199 3.15 9.89 1.03
C GLU B 199 3.76 11.26 0.82
N ARG B 200 2.95 12.22 0.33
CA ARG B 200 3.37 13.60 0.10
C ARG B 200 3.88 14.21 1.40
N LEU B 201 4.92 15.03 1.34
CA LEU B 201 5.43 15.69 2.54
C LEU B 201 4.59 16.94 2.86
N ASP B 202 3.80 17.41 1.88
CA ASP B 202 2.92 18.57 2.05
C ASP B 202 1.56 18.19 2.67
N ASP B 203 1.37 16.87 2.98
CA ASP B 203 0.16 16.33 3.60
C ASP B 203 -0.09 16.96 4.97
N VAL B 204 -1.38 17.10 5.33
CA VAL B 204 -1.82 17.71 6.58
C VAL B 204 -1.28 16.94 7.82
N GLY B 205 -0.65 17.66 8.72
CA GLY B 205 -0.14 17.11 9.97
C GLY B 205 -0.50 17.99 11.13
N TYR B 206 -0.13 17.57 12.36
CA TYR B 206 -0.41 18.33 13.58
C TYR B 206 0.21 19.74 13.56
N ASP B 207 1.31 19.91 12.79
CA ASP B 207 2.03 21.17 12.60
C ASP B 207 1.25 22.17 11.73
N ASP B 208 0.16 21.70 11.08
CA ASP B 208 -0.69 22.51 10.20
C ASP B 208 -1.98 22.97 10.91
N VAL B 209 -2.20 22.51 12.16
CA VAL B 209 -3.40 22.87 12.95
C VAL B 209 -3.02 23.76 14.14
N GLY B 210 -3.46 25.02 14.10
CA GLY B 210 -3.16 25.99 15.15
C GLY B 210 -4.35 26.51 15.92
N GLY B 211 -4.09 26.96 17.15
CA GLY B 211 -5.11 27.54 18.02
C GLY B 211 -5.98 26.56 18.77
N VAL B 212 -5.69 25.25 18.65
CA VAL B 212 -6.48 24.20 19.31
C VAL B 212 -5.59 23.19 20.07
N ARG B 213 -4.54 23.71 20.77
CA ARG B 213 -3.56 22.95 21.54
C ARG B 213 -4.21 21.93 22.50
N LYS B 214 -5.12 22.39 23.37
CA LYS B 214 -5.82 21.55 24.35
C LYS B 214 -6.73 20.52 23.69
N GLN B 215 -7.49 20.95 22.67
CA GLN B 215 -8.43 20.10 21.92
C GLN B 215 -7.70 19.01 21.15
N MET B 216 -6.55 19.35 20.56
CA MET B 216 -5.71 18.40 19.81
C MET B 216 -5.16 17.32 20.70
N ALA B 217 -4.64 17.70 21.89
CA ALA B 217 -4.11 16.77 22.88
C ALA B 217 -5.18 15.79 23.34
N GLN B 218 -6.44 16.30 23.56
CA GLN B 218 -7.59 15.49 23.95
C GLN B 218 -7.90 14.44 22.89
N ILE B 219 -8.06 14.86 21.61
CA ILE B 219 -8.35 13.97 20.49
C ILE B 219 -7.25 12.92 20.36
N ARG B 220 -5.97 13.35 20.38
CA ARG B 220 -4.79 12.48 20.28
C ARG B 220 -4.77 11.37 21.31
N GLU B 221 -5.10 11.69 22.57
CA GLU B 221 -5.14 10.71 23.67
C GLU B 221 -6.18 9.62 23.40
N LEU B 222 -7.35 10.02 22.87
CA LEU B 222 -8.48 9.12 22.58
C LEU B 222 -8.25 8.23 21.37
N VAL B 223 -7.53 8.72 20.35
CA VAL B 223 -7.37 8.02 19.08
C VAL B 223 -6.04 7.25 18.94
N GLU B 224 -4.91 7.82 19.44
CA GLU B 224 -3.57 7.24 19.29
C GLU B 224 -3.48 5.79 19.78
N LEU B 225 -3.98 5.50 21.00
CA LEU B 225 -3.93 4.12 21.49
C LEU B 225 -4.78 3.14 20.60
N PRO B 226 -6.10 3.40 20.35
CA PRO B 226 -6.88 2.48 19.50
C PRO B 226 -6.40 2.32 18.05
N LEU B 227 -5.81 3.39 17.46
CA LEU B 227 -5.37 3.38 16.07
C LEU B 227 -3.89 2.96 15.86
N ARG B 228 -3.01 3.29 16.82
CA ARG B 228 -1.59 2.92 16.71
C ARG B 228 -1.32 1.54 17.29
N HIS B 229 -2.03 1.17 18.39
CA HIS B 229 -1.90 -0.14 19.02
C HIS B 229 -3.30 -0.82 19.07
N PRO B 230 -3.83 -1.29 17.91
CA PRO B 230 -5.18 -1.88 17.93
C PRO B 230 -5.23 -3.26 18.57
N GLN B 231 -4.14 -4.04 18.42
CA GLN B 231 -4.03 -5.39 18.99
C GLN B 231 -3.90 -5.38 20.52
N LEU B 232 -3.61 -4.20 21.10
CA LEU B 232 -3.43 -4.02 22.54
C LEU B 232 -4.72 -4.24 23.32
N PHE B 233 -5.87 -3.79 22.77
CA PHE B 233 -7.17 -3.96 23.42
C PHE B 233 -7.78 -5.34 23.20
N LYS B 234 -7.05 -6.23 22.53
CA LYS B 234 -7.48 -7.62 22.37
C LYS B 234 -7.13 -8.36 23.66
N SER B 235 -5.95 -8.02 24.25
CA SER B 235 -5.49 -8.59 25.52
C SER B 235 -6.23 -7.93 26.70
N ILE B 236 -6.39 -6.60 26.67
CA ILE B 236 -7.11 -5.85 27.71
C ILE B 236 -8.62 -5.97 27.45
N GLY B 237 -9.42 -6.07 28.52
CA GLY B 237 -10.87 -6.17 28.43
C GLY B 237 -11.57 -4.82 28.35
N VAL B 238 -10.80 -3.73 28.11
CA VAL B 238 -11.30 -2.36 28.02
C VAL B 238 -11.64 -2.00 26.57
N LYS B 239 -12.89 -1.56 26.34
CA LYS B 239 -13.38 -1.12 25.05
C LYS B 239 -13.17 0.41 24.92
N PRO B 240 -12.41 0.86 23.91
CA PRO B 240 -12.14 2.30 23.79
C PRO B 240 -13.28 3.11 23.12
N PRO B 241 -13.15 4.46 22.95
CA PRO B 241 -14.23 5.22 22.30
C PRO B 241 -14.37 4.90 20.82
N LYS B 242 -15.58 5.08 20.28
CA LYS B 242 -15.85 4.87 18.87
C LYS B 242 -16.12 6.20 18.20
N GLY B 243 -17.10 6.94 18.73
CA GLY B 243 -17.52 8.22 18.18
C GLY B 243 -17.07 9.46 18.93
N ILE B 244 -16.67 10.49 18.17
CA ILE B 244 -16.26 11.79 18.68
C ILE B 244 -17.00 12.89 17.92
N LEU B 245 -17.60 13.82 18.64
CA LEU B 245 -18.30 14.94 18.01
C LEU B 245 -17.46 16.21 18.14
N LEU B 246 -17.03 16.75 16.99
CA LEU B 246 -16.29 18.00 16.91
C LEU B 246 -17.30 19.14 16.71
N TYR B 247 -17.26 20.15 17.60
CA TYR B 247 -18.16 21.32 17.55
C TYR B 247 -17.37 22.56 17.24
N GLY B 248 -17.99 23.52 16.54
CA GLY B 248 -17.33 24.76 16.20
C GLY B 248 -17.84 25.43 14.94
N PRO B 249 -17.69 26.78 14.83
CA PRO B 249 -18.18 27.48 13.63
C PRO B 249 -17.53 27.03 12.30
N PRO B 250 -18.15 27.33 11.13
CA PRO B 250 -17.54 26.91 9.86
C PRO B 250 -16.15 27.51 9.65
N GLY B 251 -15.23 26.68 9.16
CA GLY B 251 -13.84 27.07 8.90
C GLY B 251 -12.96 27.12 10.13
N SER B 252 -13.37 26.43 11.22
CA SER B 252 -12.58 26.39 12.46
C SER B 252 -11.60 25.19 12.49
N GLY B 253 -11.50 24.47 11.37
CA GLY B 253 -10.55 23.38 11.19
C GLY B 253 -11.00 22.01 11.62
N LYS B 254 -12.33 21.76 11.66
CA LYS B 254 -12.85 20.43 12.05
C LYS B 254 -12.40 19.36 11.03
N THR B 255 -12.61 19.62 9.71
CA THR B 255 -12.17 18.73 8.64
C THR B 255 -10.63 18.54 8.70
N LEU B 256 -9.91 19.66 8.94
CA LEU B 256 -8.44 19.70 9.05
C LEU B 256 -7.95 18.77 10.17
N ILE B 257 -8.43 18.97 11.42
CA ILE B 257 -8.11 18.13 12.59
C ILE B 257 -8.27 16.63 12.26
N ALA B 258 -9.39 16.26 11.60
CA ALA B 258 -9.68 14.88 11.20
C ALA B 258 -8.63 14.32 10.24
N ARG B 259 -8.27 15.09 9.20
CA ARG B 259 -7.27 14.68 8.21
C ARG B 259 -5.88 14.60 8.85
N ALA B 260 -5.57 15.56 9.76
CA ALA B 260 -4.31 15.62 10.49
C ALA B 260 -4.14 14.36 11.34
N VAL B 261 -5.18 14.01 12.12
CA VAL B 261 -5.17 12.85 12.99
C VAL B 261 -5.00 11.54 12.18
N ALA B 262 -5.74 11.41 11.07
CA ALA B 262 -5.67 10.23 10.19
C ALA B 262 -4.28 10.06 9.57
N ASN B 263 -3.69 11.17 9.06
CA ASN B 263 -2.36 11.15 8.44
C ASN B 263 -1.27 10.81 9.46
N GLU B 264 -1.31 11.46 10.63
CA GLU B 264 -0.35 11.25 11.72
C GLU B 264 -0.42 9.84 12.34
N THR B 265 -1.58 9.16 12.24
CA THR B 265 -1.74 7.81 12.79
C THR B 265 -1.55 6.70 11.74
N GLY B 266 -1.68 7.05 10.47
CA GLY B 266 -1.59 6.08 9.39
C GLY B 266 -2.90 5.34 9.19
N ALA B 267 -3.96 5.83 9.86
CA ALA B 267 -5.32 5.31 9.79
C ALA B 267 -5.92 5.59 8.41
N PHE B 268 -6.76 4.66 7.91
CA PHE B 268 -7.44 4.83 6.62
C PHE B 268 -8.52 5.90 6.77
N PHE B 269 -8.49 6.91 5.91
CA PHE B 269 -9.43 8.03 6.02
C PHE B 269 -10.57 7.95 5.01
N PHE B 270 -11.78 7.70 5.51
CA PHE B 270 -13.00 7.72 4.71
C PHE B 270 -13.82 8.93 5.10
N CYS B 271 -14.16 9.76 4.13
CA CYS B 271 -14.92 10.96 4.40
C CYS B 271 -16.35 10.91 3.87
N ILE B 272 -17.32 10.92 4.79
CA ILE B 272 -18.75 11.01 4.50
C ILE B 272 -19.11 12.50 4.55
N ASN B 273 -19.81 12.99 3.55
CA ASN B 273 -20.23 14.38 3.54
C ASN B 273 -21.75 14.48 3.62
N GLY B 274 -22.25 15.19 4.64
CA GLY B 274 -23.68 15.40 4.86
C GLY B 274 -24.47 15.67 3.60
N PRO B 275 -24.19 16.80 2.89
CA PRO B 275 -24.90 17.07 1.62
C PRO B 275 -24.69 16.01 0.53
N GLU B 276 -23.48 15.41 0.44
CA GLU B 276 -23.16 14.37 -0.56
C GLU B 276 -24.10 13.16 -0.42
N ILE B 277 -24.34 12.73 0.83
CA ILE B 277 -25.26 11.62 1.15
C ILE B 277 -26.70 12.05 0.81
N MET B 278 -27.11 13.24 1.29
CA MET B 278 -28.47 13.76 1.14
C MET B 278 -28.84 14.16 -0.30
N SER B 279 -27.83 14.34 -1.19
CA SER B 279 -28.05 14.68 -2.61
C SER B 279 -28.49 13.45 -3.41
N LYS B 280 -28.18 12.24 -2.90
CA LYS B 280 -28.50 10.97 -3.54
C LYS B 280 -29.99 10.64 -3.43
N LEU B 281 -30.46 9.69 -4.26
CA LEU B 281 -31.84 9.23 -4.28
C LEU B 281 -32.24 8.50 -2.99
N ALA B 282 -33.54 8.17 -2.86
CA ALA B 282 -34.04 7.40 -1.72
C ALA B 282 -33.55 5.95 -1.85
N GLY B 283 -32.81 5.49 -0.84
CA GLY B 283 -32.23 4.15 -0.84
C GLY B 283 -30.78 4.16 -1.21
N GLU B 284 -30.39 5.06 -2.15
CA GLU B 284 -29.00 5.22 -2.59
C GLU B 284 -28.18 5.87 -1.48
N SER B 285 -28.79 6.83 -0.73
CA SER B 285 -28.17 7.52 0.40
C SER B 285 -27.85 6.53 1.52
N GLU B 286 -28.77 5.58 1.78
CA GLU B 286 -28.61 4.53 2.80
C GLU B 286 -27.50 3.57 2.38
N SER B 287 -27.56 3.07 1.12
CA SER B 287 -26.58 2.15 0.54
C SER B 287 -25.17 2.74 0.62
N ASN B 288 -25.02 4.04 0.29
CA ASN B 288 -23.74 4.75 0.37
C ASN B 288 -23.26 4.84 1.80
N LEU B 289 -24.20 5.10 2.73
CA LEU B 289 -23.91 5.21 4.16
C LEU B 289 -23.37 3.89 4.74
N ARG B 290 -23.98 2.73 4.38
CA ARG B 290 -23.52 1.41 4.85
C ARG B 290 -22.18 0.98 4.19
N LYS B 291 -22.01 1.27 2.87
CA LYS B 291 -20.78 0.98 2.12
C LYS B 291 -19.59 1.74 2.68
N ALA B 292 -19.83 2.97 3.18
CA ALA B 292 -18.82 3.81 3.81
C ALA B 292 -18.30 3.16 5.10
N PHE B 293 -19.23 2.69 5.95
CA PHE B 293 -18.91 2.00 7.20
C PHE B 293 -18.23 0.65 6.91
N GLU B 294 -18.69 -0.07 5.87
CA GLU B 294 -18.14 -1.37 5.45
C GLU B 294 -16.69 -1.24 4.98
N GLU B 295 -16.39 -0.22 4.14
CA GLU B 295 -15.05 0.02 3.61
C GLU B 295 -14.06 0.33 4.74
N ALA B 296 -14.48 1.17 5.71
CA ALA B 296 -13.67 1.55 6.88
C ALA B 296 -13.29 0.33 7.72
N GLU B 297 -14.23 -0.61 7.92
CA GLU B 297 -14.00 -1.85 8.68
C GLU B 297 -12.98 -2.75 7.95
N LYS B 298 -13.10 -2.82 6.61
CA LYS B 298 -12.23 -3.62 5.74
C LYS B 298 -10.80 -3.08 5.74
N ASN B 299 -10.64 -1.74 5.68
CA ASN B 299 -9.32 -1.09 5.63
C ASN B 299 -8.86 -0.56 7.01
N ALA B 300 -9.46 -1.05 8.10
CA ALA B 300 -9.13 -0.63 9.47
C ALA B 300 -7.69 -1.03 9.91
N PRO B 301 -7.03 -0.27 10.84
CA PRO B 301 -7.49 0.92 11.60
C PRO B 301 -7.93 2.08 10.70
N SER B 302 -9.15 2.60 10.92
CA SER B 302 -9.72 3.66 10.10
C SER B 302 -10.35 4.80 10.89
N ILE B 303 -10.56 5.95 10.21
CA ILE B 303 -11.28 7.10 10.76
C ILE B 303 -12.37 7.49 9.77
N ILE B 304 -13.65 7.33 10.16
CA ILE B 304 -14.79 7.78 9.35
C ILE B 304 -15.06 9.22 9.73
N PHE B 305 -14.95 10.14 8.77
CA PHE B 305 -15.25 11.53 9.06
C PHE B 305 -16.57 11.96 8.43
N ILE B 306 -17.58 12.20 9.27
CA ILE B 306 -18.88 12.65 8.79
C ILE B 306 -18.95 14.17 8.92
N ASP B 307 -18.73 14.84 7.79
CA ASP B 307 -18.76 16.29 7.73
C ASP B 307 -20.20 16.75 7.61
N GLU B 308 -20.51 17.91 8.25
CA GLU B 308 -21.87 18.48 8.28
C GLU B 308 -22.86 17.41 8.72
N ILE B 309 -22.55 16.72 9.85
CA ILE B 309 -23.34 15.61 10.39
C ILE B 309 -24.81 15.99 10.65
N ASP B 310 -25.11 17.31 10.72
CA ASP B 310 -26.46 17.83 10.94
C ASP B 310 -27.33 17.75 9.66
N SER B 311 -26.69 17.54 8.47
CA SER B 311 -27.41 17.36 7.20
C SER B 311 -28.09 15.99 7.25
N ILE B 312 -27.30 14.97 7.59
CA ILE B 312 -27.78 13.64 7.93
C ILE B 312 -28.17 13.80 9.41
N ALA B 313 -28.87 12.85 10.02
CA ALA B 313 -29.15 12.85 11.46
C ALA B 313 -29.48 14.23 12.17
N PRO B 314 -30.41 15.09 11.67
CA PRO B 314 -30.82 16.25 12.48
C PRO B 314 -31.88 15.82 13.52
N LYS B 315 -32.47 16.78 14.27
CA LYS B 315 -33.51 16.48 15.27
C LYS B 315 -34.79 15.88 14.65
N ARG B 316 -35.55 15.10 15.45
CA ARG B 316 -36.79 14.44 15.02
C ARG B 316 -37.88 15.44 14.65
N GLU B 317 -37.99 16.54 15.42
CA GLU B 317 -39.01 17.58 15.22
C GLU B 317 -38.72 18.46 14.00
N LYS B 318 -37.43 18.82 13.80
CA LYS B 318 -36.98 19.70 12.72
C LYS B 318 -37.28 19.15 11.31
N THR B 319 -36.87 17.89 11.03
CA THR B 319 -37.12 17.25 9.73
C THR B 319 -38.36 16.36 9.77
N ASN B 320 -39.27 16.54 8.78
CA ASN B 320 -40.54 15.82 8.71
C ASN B 320 -40.62 14.80 7.54
N GLY B 321 -39.58 14.72 6.72
CA GLY B 321 -39.53 13.76 5.62
C GLY B 321 -39.48 12.32 6.11
N GLU B 322 -40.16 11.41 5.39
CA GLU B 322 -40.25 9.99 5.74
C GLU B 322 -38.91 9.26 5.53
N VAL B 323 -38.30 9.39 4.33
CA VAL B 323 -37.02 8.77 4.02
C VAL B 323 -35.86 9.43 4.78
N GLU B 324 -36.07 10.68 5.27
CA GLU B 324 -35.07 11.42 6.04
C GLU B 324 -34.89 10.80 7.41
N ARG B 325 -36.02 10.43 8.07
CA ARG B 325 -36.05 9.75 9.36
C ARG B 325 -35.38 8.37 9.25
N ARG B 326 -35.53 7.72 8.07
CA ARG B 326 -34.94 6.42 7.75
C ARG B 326 -33.40 6.51 7.72
N ILE B 327 -32.84 7.68 7.31
CA ILE B 327 -31.39 7.87 7.24
C ILE B 327 -30.81 8.10 8.64
N VAL B 328 -31.50 8.91 9.49
CA VAL B 328 -31.07 9.17 10.88
C VAL B 328 -30.95 7.82 11.62
N SER B 329 -32.01 6.98 11.50
CA SER B 329 -32.07 5.66 12.10
C SER B 329 -30.98 4.73 11.54
N GLN B 330 -30.68 4.84 10.23
CA GLN B 330 -29.62 4.04 9.59
C GLN B 330 -28.27 4.38 10.21
N LEU B 331 -28.00 5.68 10.45
CA LEU B 331 -26.74 6.11 11.06
C LEU B 331 -26.59 5.58 12.49
N LEU B 332 -27.67 5.67 13.31
CA LEU B 332 -27.66 5.18 14.70
C LEU B 332 -27.34 3.70 14.78
N THR B 333 -27.96 2.87 13.92
CA THR B 333 -27.71 1.42 13.90
C THR B 333 -26.35 1.06 13.35
N LEU B 334 -25.80 1.87 12.44
CA LEU B 334 -24.45 1.63 11.91
C LEU B 334 -23.42 1.86 13.02
N MET B 335 -23.66 2.90 13.86
CA MET B 335 -22.84 3.23 15.03
C MET B 335 -22.95 2.12 16.10
N ASP B 336 -24.18 1.61 16.34
CA ASP B 336 -24.44 0.53 17.28
C ASP B 336 -23.82 -0.80 16.81
N GLY B 337 -23.98 -1.07 15.52
CA GLY B 337 -23.46 -2.28 14.87
C GLY B 337 -21.96 -2.34 14.76
N LEU B 338 -21.31 -1.18 14.89
CA LEU B 338 -19.86 -1.09 14.86
C LEU B 338 -19.32 -1.62 16.20
N LYS B 339 -18.28 -2.47 16.14
CA LYS B 339 -17.67 -3.04 17.33
C LYS B 339 -16.30 -2.41 17.60
N SER B 340 -15.82 -2.50 18.86
CA SER B 340 -14.49 -1.98 19.23
C SER B 340 -13.37 -2.82 18.60
N ARG B 341 -13.69 -4.09 18.27
CA ARG B 341 -12.78 -5.02 17.59
C ARG B 341 -12.63 -4.72 16.09
N ALA B 342 -13.44 -3.76 15.57
CA ALA B 342 -13.39 -3.35 14.16
C ALA B 342 -12.26 -2.33 13.91
N HIS B 343 -11.78 -1.65 14.98
CA HIS B 343 -10.70 -0.64 14.96
C HIS B 343 -11.05 0.56 14.07
N VAL B 344 -12.30 1.05 14.17
CA VAL B 344 -12.78 2.21 13.41
C VAL B 344 -13.24 3.29 14.37
N ILE B 345 -12.70 4.50 14.23
CA ILE B 345 -13.14 5.65 15.01
C ILE B 345 -13.96 6.60 14.12
N VAL B 346 -15.21 6.88 14.52
CA VAL B 346 -16.08 7.76 13.76
C VAL B 346 -16.02 9.19 14.33
N MET B 347 -15.68 10.16 13.47
CA MET B 347 -15.60 11.55 13.84
C MET B 347 -16.70 12.34 13.13
N GLY B 348 -17.59 12.95 13.92
CA GLY B 348 -18.66 13.77 13.40
C GLY B 348 -18.32 15.23 13.58
N ALA B 349 -18.78 16.07 12.65
CA ALA B 349 -18.52 17.51 12.74
C ALA B 349 -19.76 18.31 12.41
N THR B 350 -20.05 19.32 13.24
CA THR B 350 -21.19 20.22 13.07
C THR B 350 -20.94 21.58 13.72
N ASN B 351 -21.49 22.63 13.11
CA ASN B 351 -21.43 24.00 13.63
C ASN B 351 -22.71 24.27 14.41
N ARG B 352 -23.69 23.33 14.33
CA ARG B 352 -24.97 23.41 15.03
C ARG B 352 -25.13 22.18 15.97
N PRO B 353 -24.44 22.17 17.15
CA PRO B 353 -24.55 21.01 18.07
C PRO B 353 -25.95 20.76 18.61
N ASN B 354 -26.75 21.84 18.73
CA ASN B 354 -28.10 21.78 19.28
C ASN B 354 -29.16 21.35 18.26
N SER B 355 -28.77 21.29 16.96
CA SER B 355 -29.69 20.86 15.88
C SER B 355 -29.54 19.35 15.62
N ILE B 356 -28.42 18.77 16.08
CA ILE B 356 -28.11 17.36 15.96
C ILE B 356 -29.04 16.51 16.83
N ASP B 357 -29.42 15.30 16.35
CA ASP B 357 -30.30 14.37 17.06
C ASP B 357 -29.68 13.95 18.41
N PRO B 358 -30.41 14.11 19.55
CA PRO B 358 -29.83 13.76 20.86
C PRO B 358 -29.49 12.27 21.03
N ALA B 359 -30.07 11.40 20.17
CA ALA B 359 -29.82 9.96 20.18
C ALA B 359 -28.38 9.62 19.79
N LEU B 360 -27.68 10.55 19.12
CA LEU B 360 -26.30 10.35 18.70
C LEU B 360 -25.32 10.46 19.88
N ARG B 361 -25.68 11.25 20.90
CA ARG B 361 -24.86 11.47 22.09
C ARG B 361 -24.88 10.27 23.08
N ARG B 362 -25.69 9.23 22.76
CA ARG B 362 -25.83 8.01 23.56
C ARG B 362 -24.52 7.22 23.65
N PHE B 363 -24.33 6.50 24.77
CA PHE B 363 -23.16 5.65 25.03
C PHE B 363 -23.20 4.48 24.06
N GLY B 364 -22.15 4.38 23.24
CA GLY B 364 -22.03 3.37 22.20
C GLY B 364 -22.00 4.01 20.82
N ARG B 365 -22.46 5.27 20.73
CA ARG B 365 -22.45 6.04 19.50
C ARG B 365 -21.37 7.14 19.61
N PHE B 366 -21.77 8.42 19.75
CA PHE B 366 -20.80 9.50 19.93
C PHE B 366 -20.67 9.84 21.42
N ASP B 367 -19.88 9.02 22.14
CA ASP B 367 -19.64 9.13 23.59
C ASP B 367 -18.96 10.43 23.97
N ARG B 368 -17.92 10.85 23.21
CA ARG B 368 -17.17 12.06 23.55
C ARG B 368 -17.42 13.22 22.59
N GLU B 369 -17.34 14.45 23.13
CA GLU B 369 -17.59 15.70 22.42
C GLU B 369 -16.46 16.71 22.68
N ILE B 370 -15.88 17.25 21.59
CA ILE B 370 -14.80 18.24 21.66
C ILE B 370 -15.29 19.55 21.05
N ASP B 371 -15.20 20.65 21.81
CA ASP B 371 -15.60 21.96 21.34
C ASP B 371 -14.40 22.76 20.88
N ILE B 372 -14.29 22.95 19.57
CA ILE B 372 -13.23 23.73 18.91
C ILE B 372 -13.83 25.10 18.64
N GLY B 373 -13.64 26.03 19.57
CA GLY B 373 -14.23 27.36 19.47
C GLY B 373 -13.53 28.26 18.48
N VAL B 374 -13.51 29.57 18.78
CA VAL B 374 -12.81 30.56 17.98
C VAL B 374 -11.41 30.78 18.58
N PRO B 375 -10.33 30.84 17.76
CA PRO B 375 -8.99 31.00 18.36
C PRO B 375 -8.77 32.39 18.96
N ASP B 376 -8.01 32.44 20.07
CA ASP B 376 -7.68 33.70 20.74
C ASP B 376 -6.46 34.33 20.05
N GLU B 377 -6.04 35.53 20.50
CA GLU B 377 -4.88 36.25 19.94
C GLU B 377 -3.68 35.32 19.67
N ILE B 378 -3.31 34.49 20.66
CA ILE B 378 -2.20 33.53 20.57
C ILE B 378 -2.49 32.49 19.48
N GLY B 379 -3.68 31.90 19.54
CA GLY B 379 -4.15 30.89 18.58
C GLY B 379 -4.20 31.36 17.15
N ARG B 380 -4.56 32.64 16.95
CA ARG B 380 -4.64 33.27 15.63
C ARG B 380 -3.24 33.47 15.04
N LEU B 381 -2.27 33.90 15.90
CA LEU B 381 -0.87 34.08 15.50
C LEU B 381 -0.30 32.75 14.97
N GLU B 382 -0.63 31.63 15.66
CA GLU B 382 -0.22 30.27 15.27
C GLU B 382 -0.75 29.95 13.87
N VAL B 383 -2.04 30.24 13.62
CA VAL B 383 -2.72 29.99 12.35
C VAL B 383 -2.07 30.84 11.24
N LEU B 384 -1.73 32.11 11.56
CA LEU B 384 -1.08 33.04 10.62
C LEU B 384 0.32 32.56 10.22
N ARG B 385 1.04 31.92 11.17
CA ARG B 385 2.37 31.36 10.90
C ARG B 385 2.28 30.20 9.90
N ILE B 386 1.21 29.38 10.03
CA ILE B 386 0.97 28.21 9.18
C ILE B 386 0.77 28.59 7.70
N HIS B 387 -0.03 29.64 7.44
CA HIS B 387 -0.33 30.02 6.05
C HIS B 387 0.58 31.13 5.50
N THR B 388 1.79 31.23 6.05
CA THR B 388 2.84 32.16 5.60
C THR B 388 4.17 31.40 5.48
N LYS B 389 4.14 30.05 5.70
CA LYS B 389 5.31 29.16 5.63
C LYS B 389 5.97 29.21 4.25
N ASN B 390 5.15 29.08 3.19
CA ASN B 390 5.61 29.07 1.79
C ASN B 390 5.65 30.49 1.20
N MET B 391 5.53 31.50 2.05
CA MET B 391 5.50 32.91 1.65
C MET B 391 6.69 33.68 2.16
N LYS B 392 7.26 34.54 1.30
CA LYS B 392 8.33 35.44 1.71
C LYS B 392 7.67 36.66 2.35
N LEU B 393 8.01 36.94 3.61
CA LEU B 393 7.43 38.07 4.34
C LEU B 393 8.46 39.15 4.57
N ALA B 394 8.02 40.41 4.50
CA ALA B 394 8.88 41.55 4.77
C ALA B 394 9.11 41.72 6.28
N GLU B 395 10.11 42.53 6.70
CA GLU B 395 10.36 42.80 8.11
C GLU B 395 9.25 43.73 8.63
N ASP B 396 8.65 44.51 7.69
CA ASP B 396 7.54 45.42 7.92
C ASP B 396 6.25 44.65 8.30
N VAL B 397 6.24 43.31 8.09
CA VAL B 397 5.12 42.42 8.39
C VAL B 397 5.13 42.03 9.87
N ASP B 398 4.02 42.32 10.58
CA ASP B 398 3.87 42.03 11.99
C ASP B 398 2.67 41.09 12.19
N LEU B 399 2.92 39.76 12.12
CA LEU B 399 1.88 38.75 12.30
C LEU B 399 1.25 38.79 13.71
N GLU B 400 1.99 39.36 14.69
CA GLU B 400 1.52 39.56 16.06
C GLU B 400 0.43 40.64 16.06
N ARG B 401 0.63 41.70 15.26
CA ARG B 401 -0.32 42.82 15.15
C ARG B 401 -1.57 42.41 14.39
N ILE B 402 -1.41 41.56 13.35
CA ILE B 402 -2.54 41.07 12.56
C ILE B 402 -3.47 40.23 13.45
N SER B 403 -2.89 39.35 14.30
CA SER B 403 -3.64 38.52 15.25
C SER B 403 -4.36 39.38 16.30
N LYS B 404 -3.76 40.54 16.68
CA LYS B 404 -4.33 41.50 17.62
C LYS B 404 -5.61 42.13 17.01
N ASP B 405 -5.58 42.40 15.68
CA ASP B 405 -6.69 43.03 14.96
C ASP B 405 -7.79 42.05 14.54
N THR B 406 -7.43 40.85 14.07
CA THR B 406 -8.39 39.85 13.54
C THR B 406 -9.20 39.09 14.63
N HIS B 407 -9.84 39.80 15.60
CA HIS B 407 -10.55 39.15 16.73
C HIS B 407 -11.58 38.01 16.35
N GLY B 408 -12.62 38.34 15.59
CA GLY B 408 -13.67 37.37 15.26
C GLY B 408 -13.35 36.33 14.19
N TYR B 409 -12.09 36.31 13.70
CA TYR B 409 -11.66 35.42 12.63
C TYR B 409 -11.50 33.99 13.10
N VAL B 410 -11.86 33.02 12.24
CA VAL B 410 -11.64 31.59 12.46
C VAL B 410 -10.41 31.18 11.63
N GLY B 411 -10.04 29.90 11.68
CA GLY B 411 -8.89 29.38 10.94
C GLY B 411 -8.92 29.68 9.45
N ALA B 412 -10.09 29.47 8.81
CA ALA B 412 -10.30 29.71 7.37
C ALA B 412 -10.24 31.20 7.04
N ASP B 413 -10.79 32.05 7.95
CA ASP B 413 -10.80 33.50 7.80
C ASP B 413 -9.37 34.05 7.73
N LEU B 414 -8.49 33.52 8.58
CA LEU B 414 -7.06 33.87 8.64
C LEU B 414 -6.32 33.29 7.43
N ALA B 415 -6.68 32.06 7.00
CA ALA B 415 -6.08 31.39 5.84
C ALA B 415 -6.41 32.18 4.55
N ALA B 416 -7.64 32.72 4.46
CA ALA B 416 -8.09 33.50 3.32
C ALA B 416 -7.39 34.86 3.28
N LEU B 417 -7.08 35.44 4.47
CA LEU B 417 -6.39 36.73 4.57
C LEU B 417 -4.98 36.63 4.02
N CYS B 418 -4.32 35.48 4.25
CA CYS B 418 -2.96 35.23 3.75
C CYS B 418 -2.97 35.08 2.23
N THR B 419 -3.90 34.24 1.68
CA THR B 419 -4.03 34.02 0.24
C THR B 419 -4.38 35.32 -0.51
N GLU B 420 -5.22 36.19 0.10
CA GLU B 420 -5.58 37.48 -0.49
C GLU B 420 -4.38 38.44 -0.49
N ALA B 421 -3.61 38.48 0.63
CA ALA B 421 -2.41 39.31 0.74
C ALA B 421 -1.33 38.79 -0.22
N ALA B 422 -1.37 37.47 -0.52
CA ALA B 422 -0.44 36.83 -1.46
C ALA B 422 -0.75 37.25 -2.89
N LEU B 423 -2.03 37.16 -3.34
CA LEU B 423 -2.39 37.55 -4.71
C LEU B 423 -2.41 39.08 -4.91
N GLN B 424 -2.46 39.85 -3.80
CA GLN B 424 -2.34 41.31 -3.84
C GLN B 424 -0.88 41.67 -4.11
N CYS B 425 0.05 40.88 -3.52
CA CYS B 425 1.50 41.00 -3.70
C CYS B 425 1.90 40.64 -5.13
N ILE B 426 1.22 39.63 -5.71
CA ILE B 426 1.46 39.17 -7.08
C ILE B 426 1.12 40.29 -8.08
N ARG B 427 -0.07 40.91 -7.92
CA ARG B 427 -0.53 41.99 -8.79
C ARG B 427 0.34 43.26 -8.65
N GLU B 428 0.60 43.70 -7.39
CA GLU B 428 1.38 44.91 -7.08
C GLU B 428 2.83 44.86 -7.53
N LYS B 429 3.50 43.71 -7.32
CA LYS B 429 4.93 43.58 -7.65
C LYS B 429 5.16 43.17 -9.11
N MET B 430 4.37 42.20 -9.62
CA MET B 430 4.56 41.72 -11.00
C MET B 430 3.64 42.35 -12.03
N ASP B 431 4.26 42.67 -13.20
CA ASP B 431 3.65 43.24 -14.40
C ASP B 431 4.31 42.58 -15.65
N VAL B 432 3.47 42.14 -16.64
CA VAL B 432 3.88 41.46 -17.88
C VAL B 432 4.68 40.18 -17.61
N ASP B 437 3.72 32.99 -21.46
CA ASP B 437 3.71 34.34 -20.89
C ASP B 437 3.19 34.34 -19.46
N ASP B 438 2.06 33.66 -19.22
CA ASP B 438 1.44 33.60 -17.89
C ASP B 438 2.20 32.71 -16.90
N SER B 439 3.15 31.88 -17.39
CA SER B 439 3.95 31.03 -16.50
C SER B 439 5.08 31.83 -15.87
N ILE B 440 4.95 32.13 -14.56
CA ILE B 440 5.92 32.92 -13.78
C ILE B 440 7.02 31.99 -13.18
N ASP B 441 8.31 32.41 -13.32
CA ASP B 441 9.49 31.66 -12.87
C ASP B 441 9.55 31.47 -11.36
N ALA B 442 10.17 30.35 -10.91
CA ALA B 442 10.31 30.01 -9.49
C ALA B 442 11.26 30.97 -8.76
N GLU B 443 12.35 31.39 -9.42
CA GLU B 443 13.36 32.29 -8.85
C GLU B 443 12.75 33.65 -8.53
N ILE B 444 11.83 34.10 -9.39
CA ILE B 444 11.15 35.38 -9.27
C ILE B 444 10.04 35.34 -8.20
N LEU B 445 9.30 34.21 -8.13
CA LEU B 445 8.25 34.02 -7.13
C LEU B 445 8.83 33.96 -5.72
N ASN B 446 10.00 33.30 -5.58
CA ASN B 446 10.69 33.12 -4.31
C ASN B 446 11.27 34.45 -3.78
N SER B 447 11.47 35.44 -4.67
CA SER B 447 12.06 36.73 -4.32
C SER B 447 11.03 37.79 -3.89
N MET B 448 9.79 37.73 -4.40
CA MET B 448 8.76 38.73 -4.06
C MET B 448 8.23 38.55 -2.63
N ALA B 449 8.30 39.63 -1.84
CA ALA B 449 7.88 39.60 -0.44
C ALA B 449 6.53 40.27 -0.22
N VAL B 450 5.67 39.62 0.57
CA VAL B 450 4.35 40.15 0.94
C VAL B 450 4.59 41.20 2.03
N THR B 451 4.05 42.41 1.86
CA THR B 451 4.24 43.54 2.78
C THR B 451 3.07 43.72 3.76
N ASN B 452 3.19 44.70 4.68
CA ASN B 452 2.13 45.05 5.63
C ASN B 452 0.99 45.72 4.88
N GLU B 453 1.32 46.43 3.76
CA GLU B 453 0.35 47.09 2.90
C GLU B 453 -0.56 46.08 2.20
N HIS B 454 -0.01 44.91 1.81
CA HIS B 454 -0.76 43.82 1.17
C HIS B 454 -1.74 43.18 2.17
N PHE B 455 -1.32 43.06 3.45
CA PHE B 455 -2.15 42.51 4.52
C PHE B 455 -3.23 43.50 4.96
N HIS B 456 -2.93 44.81 4.87
CA HIS B 456 -3.89 45.86 5.21
C HIS B 456 -5.00 45.92 4.17
N THR B 457 -4.61 45.77 2.88
CA THR B 457 -5.55 45.75 1.75
C THR B 457 -6.45 44.50 1.82
N ALA B 458 -5.90 43.34 2.25
CA ALA B 458 -6.65 42.09 2.39
C ALA B 458 -7.62 42.17 3.57
N LEU B 459 -7.24 42.90 4.65
CA LEU B 459 -8.06 43.11 5.84
C LEU B 459 -9.28 43.98 5.52
N GLY B 460 -9.08 44.99 4.67
CA GLY B 460 -10.12 45.91 4.23
C GLY B 460 -11.18 45.26 3.36
N ASN B 461 -10.76 44.25 2.56
CA ASN B 461 -11.62 43.50 1.65
C ASN B 461 -12.19 42.24 2.32
N SER B 462 -11.97 42.10 3.64
CA SER B 462 -12.48 40.96 4.42
C SER B 462 -13.35 41.40 5.59
N ASN B 463 -14.28 40.52 6.02
CA ASN B 463 -15.20 40.76 7.14
C ASN B 463 -15.23 39.56 8.10
P PO4 C . -6.87 -36.34 -24.24
O1 PO4 C . -7.56 -35.13 -23.46
O2 PO4 C . -6.51 -37.51 -23.22
O3 PO4 C . -5.52 -35.80 -24.92
O4 PO4 C . -7.84 -36.88 -25.33
P PO4 D . 7.05 -2.50 2.65
O1 PO4 D . 5.81 -1.56 3.03
O2 PO4 D . 8.15 -1.59 1.91
O3 PO4 D . 6.59 -3.65 1.70
O4 PO4 D . 7.69 -3.12 3.98
P PO4 E . -9.60 6.27 -25.99
O1 PO4 E . -9.74 7.79 -26.43
O2 PO4 E . -8.29 6.08 -25.10
O3 PO4 E . -9.48 5.35 -27.30
O4 PO4 E . -10.84 5.83 -25.18
PB ADP F . -14.35 -20.77 -14.00
O1B ADP F . -14.28 -19.27 -13.65
O2B ADP F . -15.81 -21.18 -13.90
O3B ADP F . -13.75 -21.08 -15.35
PA ADP F . -13.09 -21.10 -11.40
O1A ADP F . -14.08 -20.01 -10.93
O2A ADP F . -11.72 -20.51 -11.46
O3A ADP F . -13.56 -21.56 -12.85
O5' ADP F . -13.22 -22.26 -10.35
C5' ADP F . -12.67 -23.56 -10.50
C4' ADP F . -11.67 -23.86 -9.42
O4' ADP F . -10.96 -25.08 -9.76
C3' ADP F . -10.58 -22.79 -9.19
O3' ADP F . -10.86 -22.01 -8.03
C2' ADP F . -9.30 -23.59 -9.00
O2' ADP F . -9.05 -23.91 -7.65
C1' ADP F . -9.58 -24.85 -9.82
N9 ADP F . -9.17 -24.77 -11.22
C8 ADP F . -9.93 -24.46 -12.30
N7 ADP F . -9.26 -24.36 -13.43
C5 ADP F . -7.96 -24.62 -13.05
C6 ADP F . -6.75 -24.66 -13.78
N6 ADP F . -6.65 -24.30 -15.06
N1 ADP F . -5.62 -24.99 -13.11
C2 ADP F . -5.70 -25.24 -11.80
N3 ADP F . -6.77 -25.20 -11.00
C4 ADP F . -7.88 -24.89 -11.70
PB ADP G . -14.28 23.06 9.07
O1B ADP G . -14.32 23.60 10.50
O2B ADP G . -14.93 21.72 8.95
O3B ADP G . -14.89 24.10 8.13
PA ADP G . -11.99 23.21 7.30
O1A ADP G . -10.86 22.26 7.18
O2A ADP G . -13.01 22.92 6.18
O3A ADP G . -12.74 22.99 8.68
O5' ADP G . -11.52 24.77 7.20
C5' ADP G . -11.39 25.51 5.96
C4' ADP G . -9.95 25.90 5.71
O4' ADP G . -9.44 26.67 6.81
C3' ADP G . -8.96 24.77 5.44
O3' ADP G . -8.17 25.01 4.28
C2' ADP G . -8.11 24.72 6.72
O2' ADP G . -6.76 24.36 6.47
C1' ADP G . -8.19 26.16 7.24
N9 ADP G . -8.13 26.25 8.69
C8 ADP G . -9.19 26.23 9.55
N7 ADP G . -8.86 26.14 10.81
C5 ADP G . -7.47 26.11 10.78
C6 ADP G . -6.50 25.96 11.80
N6 ADP G . -6.80 25.76 13.08
N1 ADP G . -5.20 25.95 11.43
C2 ADP G . -4.90 26.07 10.13
N3 ADP G . -5.73 26.19 9.08
C4 ADP G . -7.01 26.20 9.48
#